data_5B00
#
_entry.id   5B00
#
_cell.length_a   206.850
_cell.length_b   58.547
_cell.length_c   92.678
_cell.angle_alpha   90.00
_cell.angle_beta   91.30
_cell.angle_gamma   90.00
#
_symmetry.space_group_name_H-M   'C 1 2 1'
#
loop_
_entity.id
_entity.type
_entity.pdbx_description
1 polymer MoeN5
2 non-polymer 'GERANYL DIPHOSPHATE'
3 water water
#
_entity_poly.entity_id   1
_entity_poly.type   'polypeptide(L)'
_entity_poly.pdbx_seq_one_letter_code
;MAHHHHHHVDDDDKAASWSHPQFEKGAENLYFQSMLAAEAANRDHVTRCVAQTGGSPDLVAHTAALRLYLRVPHFLTEWT
TDPDRRAAVSRALALDIVSMKLLDDLMDDDTGLDRVELACVCLRLHLRALHELESLARDPKAVTDILEQDAVHLCGGQIR
TKRSRATNLREWRAHASTYGSTFLGRYGALAAACGGEGQPADSVREFAEAFAMTITMADDLTDYDRNGERDGNLAHLMRT
GAVAGQDVVDLLEELRGRALAAVAAPPGAPGLVPVVHLYTDDVLVRLLPRHLGE
;
_entity_poly.pdbx_strand_id   A,B,C
#
# COMPACT_ATOMS: atom_id res chain seq x y z
N TYR A 31 -2.90 -11.63 5.19
CA TYR A 31 -2.26 -12.70 6.00
C TYR A 31 -1.77 -12.33 7.38
N PHE A 32 -2.62 -11.63 8.11
CA PHE A 32 -2.35 -11.38 9.50
C PHE A 32 -3.46 -12.28 9.99
N GLN A 33 -3.72 -13.28 9.15
CA GLN A 33 -4.70 -14.31 9.39
C GLN A 33 -3.87 -15.58 9.41
N SER A 34 -3.31 -15.97 8.26
CA SER A 34 -2.48 -17.20 8.18
C SER A 34 -1.72 -17.48 9.50
N MET A 35 -1.31 -16.38 10.13
CA MET A 35 -0.58 -16.33 11.41
C MET A 35 -1.36 -16.86 12.61
N LEU A 36 -2.47 -16.19 12.96
CA LEU A 36 -3.32 -16.60 14.10
C LEU A 36 -3.97 -17.97 13.89
N ALA A 37 -3.93 -18.49 12.65
CA ALA A 37 -4.50 -19.77 12.28
C ALA A 37 -3.48 -20.85 12.57
N ALA A 38 -2.22 -20.47 12.45
CA ALA A 38 -1.13 -21.37 12.70
C ALA A 38 -0.91 -21.31 14.20
N GLU A 39 -1.11 -20.13 14.79
CA GLU A 39 -0.96 -19.98 16.24
C GLU A 39 -2.01 -20.86 16.95
N ALA A 40 -3.20 -20.95 16.34
CA ALA A 40 -4.32 -21.75 16.84
C ALA A 40 -4.07 -23.21 16.67
N ALA A 41 -3.45 -23.56 15.55
CA ALA A 41 -3.09 -24.93 15.16
C ALA A 41 -1.91 -25.51 15.99
N ASN A 42 -0.96 -24.64 16.30
CA ASN A 42 0.21 -24.98 17.09
C ASN A 42 -0.18 -24.96 18.54
N ARG A 43 -1.04 -24.02 18.93
CA ARG A 43 -1.54 -23.97 20.33
C ARG A 43 -2.32 -25.22 20.67
N ASP A 44 -2.93 -25.80 19.65
CA ASP A 44 -3.68 -27.00 19.88
C ASP A 44 -2.75 -28.19 20.00
N HIS A 45 -1.88 -28.38 19.02
CA HIS A 45 -0.97 -29.50 19.08
C HIS A 45 -0.23 -29.55 20.43
N VAL A 46 0.35 -28.45 20.86
CA VAL A 46 1.05 -28.42 22.13
C VAL A 46 0.16 -28.71 23.33
N THR A 47 -0.92 -27.96 23.53
CA THR A 47 -1.79 -28.18 24.68
C THR A 47 -2.39 -29.57 24.78
N ARG A 48 -2.37 -30.32 23.67
CA ARG A 48 -2.89 -31.69 23.61
C ARG A 48 -1.82 -32.69 24.05
N CYS A 49 -0.56 -32.35 23.89
CA CYS A 49 0.57 -33.19 24.29
C CYS A 49 0.73 -32.92 25.79
N VAL A 50 0.58 -31.65 26.18
CA VAL A 50 0.70 -31.20 27.59
C VAL A 50 -0.30 -31.88 28.48
N ALA A 51 -1.54 -31.95 28.01
CA ALA A 51 -2.58 -32.54 28.78
C ALA A 51 -2.48 -34.05 28.86
N GLN A 52 -2.29 -34.72 27.72
CA GLN A 52 -2.22 -36.18 27.68
C GLN A 52 -1.01 -36.74 28.37
N THR A 53 -0.16 -35.89 28.91
CA THR A 53 1.04 -36.34 29.60
C THR A 53 0.84 -36.21 31.11
N GLY A 54 -0.24 -35.54 31.49
CA GLY A 54 -0.55 -35.33 32.90
C GLY A 54 -0.63 -33.86 33.25
N GLY A 55 -0.63 -33.02 32.23
CA GLY A 55 -0.71 -31.60 32.47
C GLY A 55 -1.92 -31.31 33.32
N SER A 56 -1.72 -30.43 34.30
CA SER A 56 -2.77 -30.00 35.20
C SER A 56 -3.59 -28.92 34.46
N PRO A 57 -4.81 -28.64 34.92
CA PRO A 57 -5.63 -27.61 34.26
C PRO A 57 -5.04 -26.19 34.27
N ASP A 58 -4.03 -25.96 35.14
CA ASP A 58 -3.34 -24.65 35.31
C ASP A 58 -2.14 -24.50 34.38
N LEU A 59 -1.66 -25.65 33.93
CA LEU A 59 -0.51 -25.74 33.04
C LEU A 59 -0.93 -25.83 31.55
N VAL A 60 -1.94 -26.67 31.25
CA VAL A 60 -2.43 -26.79 29.89
C VAL A 60 -2.85 -25.38 29.56
N ALA A 61 -3.39 -24.71 30.59
CA ALA A 61 -3.89 -23.33 30.51
C ALA A 61 -2.76 -22.34 30.36
N HIS A 62 -1.66 -22.66 31.00
CA HIS A 62 -0.49 -21.82 30.91
C HIS A 62 0.12 -21.96 29.52
N THR A 63 0.48 -23.19 29.09
CA THR A 63 1.07 -23.44 27.77
C THR A 63 0.19 -23.00 26.61
N ALA A 64 -1.13 -22.90 26.85
CA ALA A 64 -2.07 -22.48 25.82
C ALA A 64 -2.02 -20.98 25.62
N ALA A 65 -1.65 -20.27 26.69
CA ALA A 65 -1.57 -18.82 26.67
C ALA A 65 -0.21 -18.26 26.30
N LEU A 66 0.68 -19.09 25.77
CA LEU A 66 2.02 -18.63 25.40
C LEU A 66 1.99 -18.25 23.94
N ARG A 67 1.17 -17.26 23.65
CA ARG A 67 0.96 -16.82 22.29
C ARG A 67 2.20 -16.65 21.44
N LEU A 68 3.09 -15.79 21.84
CA LEU A 68 4.27 -15.53 21.03
C LEU A 68 5.05 -16.79 20.65
N TYR A 69 5.37 -17.61 21.64
CA TYR A 69 6.13 -18.83 21.40
C TYR A 69 5.43 -19.68 20.35
N LEU A 70 4.12 -19.93 20.53
CA LEU A 70 3.33 -20.75 19.61
C LEU A 70 3.28 -20.19 18.20
N ARG A 71 3.33 -18.86 18.08
CA ARG A 71 3.24 -18.21 16.80
C ARG A 71 4.57 -18.08 16.07
N VAL A 72 5.63 -17.88 16.84
CA VAL A 72 6.93 -17.70 16.24
C VAL A 72 7.30 -18.73 15.20
N PRO A 73 6.98 -20.01 15.45
CA PRO A 73 7.33 -21.03 14.48
C PRO A 73 6.80 -20.71 13.11
N HIS A 74 5.57 -20.25 13.05
CA HIS A 74 5.04 -19.90 11.75
C HIS A 74 6.00 -18.99 10.95
N PHE A 75 6.62 -18.03 11.64
CA PHE A 75 7.52 -17.06 10.98
C PHE A 75 8.80 -17.73 10.54
N LEU A 76 9.30 -18.64 11.36
CA LEU A 76 10.53 -19.30 11.05
C LEU A 76 10.43 -20.19 9.86
N THR A 77 9.22 -20.57 9.48
CA THR A 77 9.04 -21.46 8.32
C THR A 77 8.36 -20.75 7.17
N GLU A 78 8.54 -19.44 7.09
CA GLU A 78 7.92 -18.68 6.02
C GLU A 78 8.55 -19.00 4.68
N TRP A 79 9.83 -19.37 4.70
CA TRP A 79 10.58 -19.70 3.48
C TRP A 79 10.24 -21.07 2.93
N THR A 80 9.46 -21.84 3.68
CA THR A 80 9.08 -23.19 3.30
C THR A 80 7.89 -23.29 2.36
N THR A 81 8.16 -23.80 1.16
CA THR A 81 7.16 -23.94 0.06
C THR A 81 5.90 -24.82 0.24
N ASP A 82 6.06 -26.14 0.37
CA ASP A 82 4.91 -27.04 0.55
C ASP A 82 4.18 -26.71 1.84
N PRO A 83 2.85 -26.51 1.76
CA PRO A 83 1.99 -26.19 2.91
C PRO A 83 1.99 -27.19 4.07
N ASP A 84 1.87 -28.48 3.75
CA ASP A 84 1.85 -29.57 4.74
C ASP A 84 3.15 -29.64 5.54
N ARG A 85 4.28 -29.71 4.84
CA ARG A 85 5.56 -29.79 5.53
C ARG A 85 5.75 -28.50 6.35
N ARG A 86 5.12 -27.42 5.92
CA ARG A 86 5.21 -26.14 6.62
C ARG A 86 4.42 -26.28 7.94
N ALA A 87 3.17 -26.72 7.85
CA ALA A 87 2.32 -26.92 9.02
C ALA A 87 3.01 -27.89 9.93
N ALA A 88 3.81 -28.74 9.29
CA ALA A 88 4.56 -29.78 9.95
C ALA A 88 5.66 -29.23 10.83
N VAL A 89 6.66 -28.62 10.20
CA VAL A 89 7.77 -28.09 10.96
C VAL A 89 7.31 -26.99 11.90
N SER A 90 6.19 -26.33 11.60
CA SER A 90 5.68 -25.24 12.45
C SER A 90 5.27 -25.76 13.79
N ARG A 91 4.64 -26.92 13.82
CA ARG A 91 4.24 -27.48 15.09
C ARG A 91 5.45 -28.10 15.80
N ALA A 92 6.28 -28.82 15.08
CA ALA A 92 7.45 -29.47 15.67
C ALA A 92 8.24 -28.50 16.52
N LEU A 93 8.51 -27.33 15.95
CA LEU A 93 9.25 -26.25 16.60
C LEU A 93 8.47 -25.74 17.76
N ALA A 94 7.16 -25.56 17.57
CA ALA A 94 6.34 -25.10 18.69
C ALA A 94 6.51 -26.03 19.89
N LEU A 95 6.63 -27.33 19.65
CA LEU A 95 6.81 -28.25 20.76
C LEU A 95 8.10 -27.97 21.51
N ASP A 96 9.25 -28.01 20.85
CA ASP A 96 10.49 -27.77 21.58
C ASP A 96 10.56 -26.38 22.19
N ILE A 97 10.05 -25.38 21.46
CA ILE A 97 10.06 -23.99 21.95
C ILE A 97 9.33 -23.90 23.28
N VAL A 98 8.12 -24.44 23.39
CA VAL A 98 7.42 -24.43 24.68
C VAL A 98 8.24 -25.25 25.71
N SER A 99 8.75 -26.40 25.30
CA SER A 99 9.55 -27.23 26.18
C SER A 99 10.58 -26.34 26.80
N MET A 100 11.37 -25.70 25.96
CA MET A 100 12.42 -24.81 26.41
C MET A 100 11.88 -23.76 27.33
N LYS A 101 10.71 -23.25 26.98
CA LYS A 101 10.11 -22.20 27.80
C LYS A 101 9.89 -22.67 29.19
N LEU A 102 9.17 -23.77 29.32
CA LEU A 102 8.94 -24.36 30.62
C LEU A 102 10.27 -24.69 31.33
N LEU A 103 11.35 -24.91 30.59
CA LEU A 103 12.60 -25.25 31.23
C LEU A 103 12.95 -24.07 32.06
N ASP A 104 12.65 -22.90 31.50
CA ASP A 104 12.90 -21.61 32.17
C ASP A 104 12.05 -21.60 33.44
N ASP A 105 10.79 -21.22 33.28
CA ASP A 105 9.79 -21.15 34.34
C ASP A 105 10.12 -22.01 35.55
N LEU A 106 10.91 -23.07 35.33
CA LEU A 106 11.30 -24.00 36.38
C LEU A 106 12.54 -23.49 37.09
N MET A 107 13.36 -22.75 36.36
CA MET A 107 14.58 -22.19 36.94
C MET A 107 14.22 -20.83 37.51
N ASP A 108 13.56 -19.98 36.74
CA ASP A 108 13.14 -18.65 37.23
C ASP A 108 12.37 -18.94 38.55
N ASP A 109 11.57 -20.02 38.54
CA ASP A 109 10.75 -20.50 39.68
C ASP A 109 9.56 -19.66 40.14
N ASP A 110 9.29 -18.54 39.47
CA ASP A 110 8.19 -17.64 39.82
C ASP A 110 6.80 -18.28 39.68
N THR A 111 6.42 -18.53 38.43
CA THR A 111 5.16 -19.13 37.99
C THR A 111 4.18 -19.51 39.11
N GLY A 112 4.48 -20.54 39.90
CA GLY A 112 3.59 -20.94 40.97
C GLY A 112 2.96 -22.28 40.65
N LEU A 113 3.27 -22.80 39.46
CA LEU A 113 2.76 -24.10 39.00
C LEU A 113 3.52 -25.17 39.74
N ASP A 114 3.14 -26.43 39.55
CA ASP A 114 3.89 -27.46 40.26
C ASP A 114 5.22 -27.63 39.54
N ARG A 115 6.30 -27.88 40.30
CA ARG A 115 7.61 -28.02 39.70
C ARG A 115 7.75 -29.36 39.02
N VAL A 116 7.19 -30.40 39.63
CA VAL A 116 7.26 -31.74 39.08
C VAL A 116 6.69 -31.80 37.67
N GLU A 117 5.52 -31.22 37.45
CA GLU A 117 4.96 -31.23 36.11
C GLU A 117 5.85 -30.46 35.15
N LEU A 118 5.96 -29.16 35.38
CA LEU A 118 6.78 -28.31 34.53
C LEU A 118 7.96 -29.08 33.95
N ALA A 119 8.63 -29.86 34.80
CA ALA A 119 9.79 -30.67 34.38
C ALA A 119 9.45 -31.82 33.43
N CYS A 120 8.57 -32.71 33.87
CA CYS A 120 8.17 -33.81 33.03
C CYS A 120 7.66 -33.31 31.71
N VAL A 121 6.56 -32.58 31.76
CA VAL A 121 5.97 -32.02 30.55
C VAL A 121 7.04 -31.39 29.64
N CYS A 122 7.96 -30.67 30.26
CA CYS A 122 9.03 -30.03 29.52
C CYS A 122 9.72 -31.14 28.73
N LEU A 123 10.37 -32.04 29.46
CA LEU A 123 11.09 -33.14 28.86
C LEU A 123 10.24 -33.88 27.85
N ARG A 124 8.97 -34.09 28.17
CA ARG A 124 8.08 -34.80 27.27
C ARG A 124 8.09 -34.07 25.94
N LEU A 125 7.52 -32.87 25.96
CA LEU A 125 7.44 -32.05 24.79
C LEU A 125 8.71 -32.07 23.94
N HIS A 126 9.83 -31.97 24.61
CA HIS A 126 11.11 -31.99 23.94
C HIS A 126 11.24 -33.30 23.16
N LEU A 127 11.45 -34.37 23.90
CA LEU A 127 11.58 -35.68 23.33
C LEU A 127 10.75 -35.75 22.07
N ARG A 128 9.52 -35.25 22.15
CA ARG A 128 8.62 -35.28 21.03
C ARG A 128 9.06 -34.43 19.86
N ALA A 129 9.32 -33.15 20.12
CA ALA A 129 9.77 -32.26 19.05
C ALA A 129 10.95 -32.92 18.31
N LEU A 130 11.86 -33.51 19.08
CA LEU A 130 13.01 -34.17 18.48
C LEU A 130 12.51 -35.23 17.57
N HIS A 131 11.60 -36.01 18.08
CA HIS A 131 11.06 -37.05 17.29
C HIS A 131 10.50 -36.61 15.94
N GLU A 132 9.58 -35.65 15.93
CA GLU A 132 8.96 -35.17 14.69
C GLU A 132 9.95 -34.45 13.80
N LEU A 133 10.66 -33.49 14.36
CA LEU A 133 11.66 -32.75 13.62
C LEU A 133 12.61 -33.73 12.93
N GLU A 134 12.97 -34.78 13.66
CA GLU A 134 13.86 -35.82 13.17
C GLU A 134 13.35 -36.56 11.93
N SER A 135 12.04 -36.59 11.77
CA SER A 135 11.45 -37.26 10.63
C SER A 135 11.35 -36.31 9.44
N LEU A 136 11.09 -35.03 9.71
CA LEU A 136 10.97 -34.01 8.65
C LEU A 136 12.34 -33.58 8.18
N ALA A 137 13.37 -34.31 8.60
CA ALA A 137 14.72 -33.96 8.19
C ALA A 137 15.11 -34.70 6.93
N ARG A 138 16.09 -34.15 6.24
CA ARG A 138 16.59 -34.77 5.02
C ARG A 138 17.74 -35.62 5.52
N ASP A 139 18.57 -35.01 6.37
CA ASP A 139 19.73 -35.64 6.99
C ASP A 139 19.33 -35.84 8.44
N PRO A 140 18.88 -37.06 8.81
CA PRO A 140 18.48 -37.25 10.21
C PRO A 140 19.50 -36.64 11.15
N LYS A 141 20.73 -37.14 11.08
CA LYS A 141 21.80 -36.61 11.92
C LYS A 141 21.82 -35.06 12.00
N ALA A 142 21.19 -34.38 11.04
CA ALA A 142 21.18 -32.94 10.98
C ALA A 142 20.64 -32.18 12.19
N VAL A 143 19.55 -32.65 12.77
CA VAL A 143 18.95 -31.97 13.93
C VAL A 143 19.88 -31.84 15.13
N THR A 144 20.31 -32.98 15.65
CA THR A 144 21.20 -33.06 16.78
C THR A 144 22.46 -32.26 16.51
N ASP A 145 22.74 -31.98 15.23
CA ASP A 145 23.92 -31.21 14.90
C ASP A 145 23.71 -29.79 15.34
N ILE A 146 22.66 -29.19 14.77
CA ILE A 146 22.30 -27.83 15.05
C ILE A 146 22.18 -27.64 16.55
N LEU A 147 21.43 -28.51 17.22
CA LEU A 147 21.21 -28.38 18.65
C LEU A 147 22.50 -28.34 19.45
N GLU A 148 23.47 -29.14 19.03
CA GLU A 148 24.74 -29.20 19.74
C GLU A 148 25.70 -28.07 19.39
N GLN A 149 25.90 -27.81 18.09
CA GLN A 149 26.80 -26.78 17.55
C GLN A 149 27.26 -25.65 18.48
N ASP A 150 26.34 -25.11 19.27
CA ASP A 150 26.68 -24.04 20.18
C ASP A 150 25.87 -24.14 21.48
N ALA A 151 25.52 -25.35 21.85
CA ALA A 151 24.76 -25.53 23.06
C ALA A 151 25.54 -24.89 24.20
N VAL A 152 26.86 -24.80 24.06
CA VAL A 152 27.71 -24.22 25.11
C VAL A 152 27.57 -22.73 25.16
N HIS A 153 27.31 -22.15 24.02
CA HIS A 153 27.16 -20.71 23.99
C HIS A 153 25.79 -20.35 24.57
N LEU A 154 24.78 -21.06 24.11
CA LEU A 154 23.40 -20.83 24.54
C LEU A 154 23.26 -21.00 26.04
N CYS A 155 23.89 -22.04 26.57
CA CYS A 155 23.81 -22.33 27.98
C CYS A 155 24.79 -21.56 28.84
N GLY A 156 26.06 -21.57 28.52
CA GLY A 156 26.97 -20.82 29.35
C GLY A 156 26.54 -19.38 29.31
N GLY A 157 25.95 -18.98 28.20
CA GLY A 157 25.50 -17.62 28.02
C GLY A 157 24.37 -17.18 28.91
N GLN A 158 23.44 -18.08 29.22
CA GLN A 158 22.30 -17.76 30.08
C GLN A 158 22.66 -18.00 31.56
N ILE A 159 23.79 -18.65 31.82
CA ILE A 159 24.24 -18.90 33.18
C ILE A 159 24.90 -17.60 33.59
N ARG A 160 25.89 -17.20 32.81
CA ARG A 160 26.65 -15.98 33.03
C ARG A 160 25.81 -14.72 32.91
N THR A 161 24.79 -14.80 32.07
CA THR A 161 23.91 -13.67 31.85
C THR A 161 23.28 -13.25 33.18
N LYS A 162 22.79 -14.24 33.93
CA LYS A 162 22.13 -13.99 35.21
C LYS A 162 23.10 -13.90 36.39
N ARG A 163 24.37 -14.20 36.15
CA ARG A 163 25.39 -14.08 37.21
C ARG A 163 25.83 -12.63 37.25
N SER A 164 26.66 -12.25 36.28
CA SER A 164 27.15 -10.90 36.17
C SER A 164 26.13 -10.01 35.42
N ARG A 165 24.96 -9.81 36.04
CA ARG A 165 23.87 -9.00 35.49
C ARG A 165 24.43 -7.76 34.79
N ALA A 166 23.96 -7.48 33.57
CA ALA A 166 24.45 -6.34 32.78
C ALA A 166 24.18 -4.95 33.36
N THR A 167 25.04 -3.98 33.03
CA THR A 167 24.89 -2.58 33.50
C THR A 167 25.17 -1.48 32.48
N ASN A 168 24.84 -1.77 31.22
CA ASN A 168 24.99 -0.82 30.13
C ASN A 168 24.64 -1.51 28.79
N LEU A 169 24.25 -0.71 27.78
CA LEU A 169 23.85 -1.27 26.48
C LEU A 169 24.84 -2.22 25.79
N ARG A 170 26.00 -1.74 25.39
CA ARG A 170 26.95 -2.62 24.73
C ARG A 170 27.09 -3.92 25.55
N GLU A 171 26.69 -3.84 26.82
CA GLU A 171 26.77 -4.94 27.80
C GLU A 171 25.47 -5.69 28.14
N TRP A 172 24.35 -5.24 27.62
CA TRP A 172 23.08 -5.90 27.86
C TRP A 172 22.78 -6.61 26.57
N ARG A 173 23.17 -5.94 25.48
CA ARG A 173 23.00 -6.41 24.10
C ARG A 173 23.94 -7.57 23.83
N ALA A 174 24.79 -7.84 24.80
CA ALA A 174 25.71 -8.95 24.70
C ALA A 174 25.06 -10.16 25.35
N HIS A 175 24.48 -9.93 26.53
CA HIS A 175 23.79 -11.00 27.25
C HIS A 175 22.54 -11.39 26.45
N ALA A 176 21.88 -10.39 25.86
CA ALA A 176 20.67 -10.62 25.05
C ALA A 176 20.99 -11.37 23.76
N SER A 177 22.25 -11.33 23.35
CA SER A 177 22.71 -11.99 22.13
C SER A 177 22.82 -13.50 22.28
N THR A 178 22.71 -14.00 23.52
CA THR A 178 22.77 -15.44 23.75
C THR A 178 21.40 -16.03 24.04
N TYR A 179 20.94 -15.94 25.28
CA TYR A 179 19.65 -16.51 25.62
C TYR A 179 18.54 -16.06 24.66
N GLY A 180 18.79 -14.98 23.93
CA GLY A 180 17.78 -14.48 23.00
C GLY A 180 18.08 -14.79 21.55
N SER A 181 19.10 -14.13 20.99
CA SER A 181 19.46 -14.32 19.59
C SER A 181 19.80 -15.77 19.22
N THR A 182 20.81 -16.36 19.86
CA THR A 182 21.23 -17.73 19.53
C THR A 182 20.14 -18.74 19.82
N PHE A 183 19.29 -18.44 20.80
CA PHE A 183 18.20 -19.34 21.15
C PHE A 183 17.32 -19.63 19.93
N LEU A 184 16.78 -18.55 19.37
CA LEU A 184 15.89 -18.61 18.24
C LEU A 184 16.67 -18.84 16.97
N GLY A 185 17.95 -18.52 17.00
CA GLY A 185 18.76 -18.74 15.83
C GLY A 185 18.66 -20.22 15.46
N ARG A 186 18.83 -21.09 16.45
CA ARG A 186 18.79 -22.53 16.25
C ARG A 186 17.51 -23.13 15.68
N TYR A 187 16.36 -22.65 16.11
CA TYR A 187 15.10 -23.17 15.60
C TYR A 187 15.08 -22.63 14.19
N GLY A 188 15.72 -21.48 13.99
CA GLY A 188 15.79 -20.91 12.66
C GLY A 188 16.47 -21.92 11.75
N ALA A 189 17.66 -22.39 12.15
CA ALA A 189 18.43 -23.38 11.41
C ALA A 189 17.65 -24.70 11.25
N LEU A 190 17.00 -25.18 12.31
CA LEU A 190 16.22 -26.40 12.25
C LEU A 190 15.19 -26.16 11.21
N ALA A 191 14.46 -25.07 11.39
CA ALA A 191 13.38 -24.71 10.49
C ALA A 191 13.83 -24.81 9.07
N ALA A 192 15.12 -24.52 8.84
CA ALA A 192 15.67 -24.56 7.51
C ALA A 192 16.09 -25.99 7.14
N ALA A 193 16.66 -26.76 8.07
CA ALA A 193 17.08 -28.13 7.78
C ALA A 193 15.93 -29.13 7.62
N CYS A 194 14.74 -28.68 8.00
CA CYS A 194 13.53 -29.48 7.95
C CYS A 194 12.51 -28.82 7.07
N GLY A 195 12.90 -27.71 6.47
CA GLY A 195 11.97 -27.00 5.61
C GLY A 195 11.96 -27.59 4.21
N GLY A 196 13.12 -28.03 3.76
CA GLY A 196 13.20 -28.62 2.44
C GLY A 196 14.07 -27.82 1.50
N GLU A 197 15.15 -28.46 1.06
CA GLU A 197 16.15 -27.94 0.13
C GLU A 197 15.71 -26.72 -0.67
N GLY A 198 16.65 -25.80 -0.90
CA GLY A 198 16.34 -24.59 -1.64
C GLY A 198 15.87 -23.53 -0.66
N GLN A 199 16.51 -23.49 0.49
CA GLN A 199 16.14 -22.54 1.52
C GLN A 199 17.38 -21.77 1.92
N PRO A 200 17.24 -20.43 2.00
CA PRO A 200 18.35 -19.54 2.39
C PRO A 200 18.87 -19.86 3.79
N ALA A 201 19.32 -21.11 3.93
CA ALA A 201 19.86 -21.65 5.17
C ALA A 201 20.21 -20.63 6.26
N ASP A 202 21.19 -19.80 5.96
CA ASP A 202 21.73 -18.80 6.87
C ASP A 202 20.93 -17.49 6.98
N SER A 203 20.12 -17.19 5.97
CA SER A 203 19.32 -15.98 5.97
C SER A 203 18.14 -16.17 6.89
N VAL A 204 17.73 -17.41 7.05
CA VAL A 204 16.62 -17.71 7.91
C VAL A 204 17.10 -17.42 9.30
N ARG A 205 18.31 -17.86 9.57
CA ARG A 205 18.90 -17.68 10.88
C ARG A 205 19.12 -16.23 11.20
N GLU A 206 19.50 -15.46 10.19
CA GLU A 206 19.74 -14.04 10.39
C GLU A 206 18.45 -13.38 10.87
N PHE A 207 17.35 -13.75 10.22
CA PHE A 207 16.06 -13.21 10.56
C PHE A 207 15.69 -13.58 11.96
N ALA A 208 15.95 -14.83 12.29
CA ALA A 208 15.65 -15.34 13.60
C ALA A 208 16.40 -14.56 14.64
N GLU A 209 17.72 -14.58 14.56
CA GLU A 209 18.55 -13.88 15.53
C GLU A 209 18.24 -12.38 15.63
N ALA A 210 17.95 -11.75 14.51
CA ALA A 210 17.61 -10.32 14.53
C ALA A 210 16.29 -10.11 15.23
N PHE A 211 15.25 -10.73 14.69
CA PHE A 211 13.91 -10.66 15.23
C PHE A 211 13.91 -10.94 16.72
N ALA A 212 14.60 -12.00 17.11
CA ALA A 212 14.62 -12.37 18.51
C ALA A 212 14.99 -11.24 19.44
N MET A 213 16.04 -10.48 19.13
CA MET A 213 16.43 -9.37 20.01
C MET A 213 15.39 -8.26 20.10
N THR A 214 14.74 -7.93 18.99
CA THR A 214 13.73 -6.88 19.04
C THR A 214 12.70 -7.33 20.05
N ILE A 215 12.55 -8.64 20.16
CA ILE A 215 11.57 -9.17 21.06
C ILE A 215 12.01 -9.01 22.50
N THR A 216 13.27 -9.34 22.74
CA THR A 216 13.82 -9.25 24.09
C THR A 216 13.71 -7.83 24.62
N MET A 217 13.92 -6.86 23.75
CA MET A 217 13.82 -5.50 24.18
C MET A 217 12.35 -5.26 24.50
N ALA A 218 11.49 -5.87 23.71
CA ALA A 218 10.05 -5.73 23.92
C ALA A 218 9.67 -6.35 25.25
N ASP A 219 10.40 -7.37 25.65
CA ASP A 219 10.12 -8.04 26.90
C ASP A 219 10.67 -7.22 28.06
N ASP A 220 11.83 -6.62 27.86
CA ASP A 220 12.40 -5.83 28.94
C ASP A 220 11.68 -4.51 29.12
N LEU A 221 11.39 -3.84 28.03
CA LEU A 221 10.70 -2.57 28.11
C LEU A 221 9.32 -2.71 28.73
N THR A 222 8.77 -3.92 28.71
CA THR A 222 7.43 -4.16 29.26
C THR A 222 7.49 -4.81 30.62
N ASP A 223 8.35 -5.80 30.73
CA ASP A 223 8.53 -6.57 31.96
C ASP A 223 9.12 -5.79 33.14
N TYR A 224 9.36 -4.49 32.95
CA TYR A 224 9.88 -3.64 34.02
C TYR A 224 8.65 -3.04 34.70
N ASP A 225 7.75 -2.51 33.87
CA ASP A 225 6.50 -1.90 34.34
C ASP A 225 5.62 -2.94 35.03
N ARG A 226 5.22 -3.97 34.28
CA ARG A 226 4.33 -5.03 34.77
C ARG A 226 4.70 -5.67 36.13
N ASN A 227 5.67 -6.57 36.13
CA ASN A 227 6.09 -7.21 37.36
C ASN A 227 7.40 -6.57 37.85
N GLY A 228 7.30 -5.33 38.33
CA GLY A 228 8.46 -4.60 38.80
C GLY A 228 9.77 -5.38 38.80
N GLU A 229 10.63 -5.08 37.81
CA GLU A 229 11.94 -5.73 37.67
C GLU A 229 12.99 -4.60 37.69
N ARG A 230 14.29 -4.91 37.72
CA ARG A 230 15.25 -3.82 37.77
C ARG A 230 16.76 -4.17 37.60
N ASP A 231 17.19 -5.36 38.01
CA ASP A 231 18.61 -5.72 37.92
C ASP A 231 19.09 -6.29 36.59
N GLY A 232 19.69 -5.46 35.76
CA GLY A 232 20.17 -5.91 34.47
C GLY A 232 19.17 -5.62 33.37
N ASN A 233 17.97 -5.25 33.80
CA ASN A 233 16.84 -4.89 32.94
C ASN A 233 17.21 -3.75 31.98
N LEU A 234 16.75 -3.82 30.74
CA LEU A 234 17.06 -2.77 29.77
C LEU A 234 16.27 -1.50 30.01
N ALA A 235 15.26 -1.59 30.88
CA ALA A 235 14.40 -0.46 31.23
C ALA A 235 15.05 0.40 32.32
N HIS A 236 15.63 -0.27 33.31
CA HIS A 236 16.32 0.37 34.41
C HIS A 236 17.50 1.16 33.84
N LEU A 237 18.39 0.47 33.14
CA LEU A 237 19.57 1.07 32.56
C LEU A 237 19.34 2.34 31.74
N MET A 238 18.09 2.58 31.38
CA MET A 238 17.72 3.79 30.64
C MET A 238 17.35 4.82 31.70
N ARG A 239 16.66 4.35 32.74
CA ARG A 239 16.17 5.13 33.88
C ARG A 239 17.27 5.61 34.82
N THR A 240 18.52 5.31 34.49
CA THR A 240 19.65 5.70 35.32
C THR A 240 20.85 6.10 34.48
N GLY A 241 20.60 6.71 33.32
CA GLY A 241 21.66 7.17 32.43
C GLY A 241 22.71 6.16 32.05
N ALA A 242 22.40 4.88 32.22
CA ALA A 242 23.35 3.83 31.87
C ALA A 242 23.22 3.43 30.39
N VAL A 243 22.17 3.93 29.74
CA VAL A 243 21.88 3.69 28.33
C VAL A 243 20.95 4.79 27.85
N ALA A 244 21.40 5.54 26.82
CA ALA A 244 20.59 6.64 26.27
C ALA A 244 19.43 6.10 25.41
N GLY A 245 18.24 6.69 25.60
CA GLY A 245 17.08 6.25 24.84
C GLY A 245 17.37 6.26 23.35
N GLN A 246 18.21 7.20 22.92
CA GLN A 246 18.59 7.36 21.53
C GLN A 246 19.39 6.15 21.03
N ASP A 247 20.08 5.48 21.95
CA ASP A 247 20.86 4.30 21.59
C ASP A 247 19.90 3.13 21.42
N VAL A 248 19.02 2.97 22.40
CA VAL A 248 18.03 1.92 22.36
C VAL A 248 17.41 1.97 20.97
N VAL A 249 16.89 3.14 20.62
CA VAL A 249 16.28 3.30 19.33
C VAL A 249 17.24 2.94 18.19
N ASP A 250 18.43 3.52 18.18
CA ASP A 250 19.40 3.22 17.11
C ASP A 250 19.46 1.72 16.85
N LEU A 251 19.63 0.98 17.95
CA LEU A 251 19.73 -0.47 17.89
C LEU A 251 18.44 -1.10 17.33
N LEU A 252 17.30 -0.73 17.93
CA LEU A 252 16.00 -1.23 17.50
C LEU A 252 15.84 -1.03 16.03
N GLU A 253 16.41 0.04 15.52
CA GLU A 253 16.33 0.38 14.12
C GLU A 253 17.30 -0.38 13.28
N GLU A 254 18.34 -0.88 13.92
CA GLU A 254 19.35 -1.66 13.22
C GLU A 254 18.79 -3.07 13.10
N LEU A 255 18.11 -3.52 14.17
CA LEU A 255 17.53 -4.86 14.20
C LEU A 255 16.45 -5.00 13.15
N ARG A 256 15.76 -3.92 12.85
CA ARG A 256 14.77 -3.99 11.83
C ARG A 256 15.56 -4.11 10.54
N GLY A 257 16.57 -3.26 10.40
CA GLY A 257 17.38 -3.28 9.20
C GLY A 257 17.89 -4.67 8.93
N ARG A 258 18.60 -5.20 9.92
CA ARG A 258 19.17 -6.54 9.84
C ARG A 258 18.09 -7.56 9.49
N ALA A 259 16.92 -7.47 10.14
CA ALA A 259 15.82 -8.39 9.91
C ALA A 259 15.27 -8.26 8.49
N LEU A 260 14.84 -7.06 8.17
CA LEU A 260 14.31 -6.81 6.84
C LEU A 260 15.31 -7.22 5.75
N ALA A 261 16.58 -7.18 6.09
CA ALA A 261 17.62 -7.53 5.15
C ALA A 261 17.56 -9.01 4.81
N ALA A 262 17.49 -9.83 5.84
CA ALA A 262 17.47 -11.26 5.65
C ALA A 262 16.20 -11.70 5.00
N VAL A 263 15.12 -10.97 5.17
CA VAL A 263 13.88 -11.44 4.55
C VAL A 263 13.98 -11.32 3.03
N ALA A 264 14.70 -10.30 2.57
CA ALA A 264 14.89 -10.05 1.14
C ALA A 264 15.76 -11.10 0.48
N ALA A 265 16.87 -11.46 1.13
CA ALA A 265 17.76 -12.47 0.59
C ALA A 265 16.96 -13.56 -0.15
N PRO A 266 17.29 -13.76 -1.46
CA PRO A 266 16.73 -14.70 -2.45
C PRO A 266 16.61 -16.17 -2.02
N PRO A 267 15.42 -16.76 -2.26
CA PRO A 267 14.24 -16.13 -2.89
C PRO A 267 13.75 -14.86 -2.20
N GLY A 268 13.32 -14.99 -0.95
CA GLY A 268 12.84 -13.84 -0.20
C GLY A 268 11.49 -14.13 0.39
N ALA A 269 11.29 -13.65 1.61
CA ALA A 269 10.05 -13.86 2.35
C ALA A 269 9.19 -12.60 2.43
N PRO A 270 8.57 -12.22 1.32
CA PRO A 270 7.73 -11.03 1.31
C PRO A 270 6.80 -10.95 2.51
N GLY A 271 6.20 -12.08 2.85
CA GLY A 271 5.25 -12.14 3.93
C GLY A 271 5.72 -11.67 5.29
N LEU A 272 7.04 -11.71 5.53
CA LEU A 272 7.59 -11.29 6.81
C LEU A 272 7.89 -9.80 6.90
N VAL A 273 8.00 -9.13 5.75
CA VAL A 273 8.29 -7.70 5.76
C VAL A 273 7.29 -6.95 6.66
N PRO A 274 5.99 -7.23 6.53
CA PRO A 274 4.98 -6.57 7.35
C PRO A 274 5.13 -6.87 8.84
N VAL A 275 5.43 -8.12 9.13
CA VAL A 275 5.61 -8.53 10.52
C VAL A 275 6.76 -7.81 11.21
N VAL A 276 7.93 -7.85 10.59
CA VAL A 276 9.12 -7.22 11.13
C VAL A 276 8.81 -5.78 11.59
N HIS A 277 8.04 -5.07 10.77
CA HIS A 277 7.67 -3.69 11.04
C HIS A 277 6.67 -3.69 12.14
N LEU A 278 5.63 -4.45 11.94
CA LEU A 278 4.58 -4.54 12.93
C LEU A 278 5.12 -4.63 14.39
N TYR A 279 6.18 -5.42 14.57
CA TYR A 279 6.81 -5.64 15.90
C TYR A 279 7.78 -4.55 16.35
N THR A 280 8.76 -4.27 15.51
CA THR A 280 9.72 -3.22 15.82
C THR A 280 8.88 -1.93 16.04
N ASP A 281 7.91 -1.67 15.17
CA ASP A 281 7.10 -0.47 15.29
C ASP A 281 6.31 -0.50 16.57
N ASP A 282 6.04 -1.69 17.11
CA ASP A 282 5.29 -1.72 18.33
C ASP A 282 6.09 -1.36 19.55
N VAL A 283 7.35 -1.78 19.60
CA VAL A 283 8.19 -1.40 20.73
C VAL A 283 8.35 0.12 20.70
N LEU A 284 8.66 0.65 19.52
CA LEU A 284 8.83 2.08 19.35
C LEU A 284 7.60 2.84 19.77
N VAL A 285 6.44 2.43 19.27
CA VAL A 285 5.20 3.13 19.56
C VAL A 285 4.63 3.04 20.98
N ARG A 286 4.46 1.83 21.49
CA ARG A 286 3.88 1.67 22.81
C ARG A 286 4.79 1.20 23.95
N LEU A 287 6.08 0.99 23.69
CA LEU A 287 6.99 0.54 24.74
C LEU A 287 8.00 1.63 25.17
N LEU A 288 8.86 2.03 24.25
CA LEU A 288 9.86 3.07 24.48
C LEU A 288 9.22 4.35 25.04
N PRO A 289 7.95 4.64 24.72
CA PRO A 289 7.37 5.85 25.27
C PRO A 289 7.22 5.88 26.79
N ARG A 290 6.80 4.76 27.38
CA ARG A 290 6.64 4.70 28.84
C ARG A 290 7.89 5.15 29.59
N HIS A 291 9.05 4.97 28.98
CA HIS A 291 10.33 5.31 29.59
C HIS A 291 10.93 6.55 28.94
N TYR B 31 -33.07 14.75 -29.61
CA TYR B 31 -33.03 13.92 -30.84
C TYR B 31 -31.77 13.01 -30.85
N PHE B 32 -31.60 12.20 -31.91
CA PHE B 32 -30.44 11.29 -32.09
C PHE B 32 -29.42 12.27 -32.65
N GLN B 33 -29.60 13.53 -32.29
CA GLN B 33 -28.70 14.59 -32.67
C GLN B 33 -28.15 15.19 -31.39
N SER B 34 -29.03 15.76 -30.55
CA SER B 34 -28.60 16.37 -29.29
C SER B 34 -27.42 15.56 -28.71
N MET B 35 -27.48 14.25 -28.91
CA MET B 35 -26.48 13.28 -28.49
C MET B 35 -25.10 13.47 -29.14
N LEU B 36 -25.04 13.37 -30.47
CA LEU B 36 -23.78 13.51 -31.24
C LEU B 36 -23.22 14.91 -31.19
N ALA B 37 -24.03 15.82 -30.67
CA ALA B 37 -23.63 17.21 -30.55
C ALA B 37 -22.97 17.40 -29.20
N ALA B 38 -23.38 16.59 -28.24
CA ALA B 38 -22.79 16.69 -26.93
C ALA B 38 -21.53 15.80 -26.98
N GLU B 39 -21.58 14.72 -27.77
CA GLU B 39 -20.44 13.80 -27.93
C GLU B 39 -19.30 14.54 -28.57
N ALA B 40 -19.67 15.47 -29.45
CA ALA B 40 -18.74 16.31 -30.17
C ALA B 40 -18.20 17.41 -29.27
N ALA B 41 -19.04 17.87 -28.35
CA ALA B 41 -18.72 18.94 -27.40
C ALA B 41 -17.88 18.42 -26.25
N ASN B 42 -18.12 17.15 -25.88
CA ASN B 42 -17.38 16.51 -24.81
C ASN B 42 -16.07 16.04 -25.38
N ARG B 43 -16.09 15.49 -26.61
CA ARG B 43 -14.86 15.01 -27.29
C ARG B 43 -13.87 16.13 -27.50
N ASP B 44 -14.39 17.35 -27.53
CA ASP B 44 -13.55 18.51 -27.70
C ASP B 44 -12.96 18.90 -26.35
N HIS B 45 -13.80 19.07 -25.34
CA HIS B 45 -13.28 19.46 -24.06
C HIS B 45 -12.17 18.52 -23.60
N VAL B 46 -12.41 17.22 -23.68
CA VAL B 46 -11.40 16.23 -23.27
C VAL B 46 -10.13 16.32 -24.11
N THR B 47 -10.25 16.16 -25.44
CA THR B 47 -9.08 16.19 -26.32
C THR B 47 -8.25 17.46 -26.21
N ARG B 48 -8.84 18.54 -25.70
CA ARG B 48 -8.16 19.83 -25.48
C ARG B 48 -7.36 19.82 -24.14
N CYS B 49 -7.82 19.05 -23.16
CA CYS B 49 -7.15 18.90 -21.87
C CYS B 49 -6.01 17.89 -22.04
N VAL B 50 -6.27 16.84 -22.84
CA VAL B 50 -5.32 15.78 -23.20
C VAL B 50 -4.09 16.33 -23.90
N ALA B 51 -4.33 17.17 -24.89
CA ALA B 51 -3.24 17.75 -25.66
C ALA B 51 -2.44 18.82 -24.88
N GLN B 52 -3.14 19.78 -24.23
CA GLN B 52 -2.50 20.88 -23.47
C GLN B 52 -1.76 20.41 -22.25
N THR B 53 -1.72 19.10 -22.04
CA THR B 53 -1.01 18.56 -20.89
C THR B 53 0.26 17.85 -21.39
N GLY B 54 0.33 17.61 -22.70
CA GLY B 54 1.47 16.96 -23.27
C GLY B 54 1.04 15.73 -24.05
N GLY B 55 -0.25 15.60 -24.27
CA GLY B 55 -0.75 14.46 -25.02
C GLY B 55 -0.04 14.35 -26.35
N SER B 56 0.32 13.14 -26.72
CA SER B 56 1.01 12.89 -27.99
C SER B 56 -0.06 12.90 -29.04
N PRO B 57 0.33 12.96 -30.33
CA PRO B 57 -0.67 12.96 -31.42
C PRO B 57 -1.42 11.63 -31.58
N ASP B 58 -0.88 10.58 -30.96
CA ASP B 58 -1.45 9.24 -31.00
C ASP B 58 -2.44 9.01 -29.86
N LEU B 59 -2.28 9.82 -28.82
CA LEU B 59 -3.13 9.78 -27.60
C LEU B 59 -4.31 10.75 -27.67
N VAL B 60 -4.07 11.99 -28.11
CA VAL B 60 -5.16 12.93 -28.23
C VAL B 60 -6.06 12.31 -29.27
N ALA B 61 -5.46 11.53 -30.19
CA ALA B 61 -6.16 10.81 -31.28
C ALA B 61 -6.93 9.64 -30.73
N HIS B 62 -6.35 9.00 -29.73
CA HIS B 62 -6.94 7.87 -29.05
C HIS B 62 -8.15 8.38 -28.23
N THR B 63 -7.94 9.30 -27.30
CA THR B 63 -9.01 9.85 -26.44
C THR B 63 -10.14 10.51 -27.21
N ALA B 64 -9.88 10.91 -28.45
CA ALA B 64 -10.92 11.55 -29.28
C ALA B 64 -11.83 10.50 -29.91
N ALA B 65 -11.29 9.30 -30.11
CA ALA B 65 -12.00 8.17 -30.72
C ALA B 65 -12.72 7.26 -29.70
N LEU B 66 -12.87 7.72 -28.47
CA LEU B 66 -13.53 6.92 -27.43
C LEU B 66 -14.98 7.39 -27.41
N ARG B 67 -15.64 7.15 -28.53
CA ARG B 67 -17.03 7.56 -28.74
C ARG B 67 -17.94 7.30 -27.57
N LEU B 68 -18.11 6.02 -27.25
CA LEU B 68 -19.02 5.66 -26.18
C LEU B 68 -18.79 6.40 -24.88
N TYR B 69 -17.55 6.41 -24.39
CA TYR B 69 -17.25 7.10 -23.13
C TYR B 69 -17.63 8.56 -23.14
N LEU B 70 -17.30 9.23 -24.24
CA LEU B 70 -17.60 10.66 -24.38
C LEU B 70 -19.09 10.95 -24.48
N ARG B 71 -19.85 9.99 -25.03
CA ARG B 71 -21.29 10.13 -25.25
C ARG B 71 -22.11 9.78 -24.02
N VAL B 72 -21.67 8.78 -23.27
CA VAL B 72 -22.39 8.33 -22.11
C VAL B 72 -22.78 9.44 -21.17
N PRO B 73 -21.88 10.39 -20.89
CA PRO B 73 -22.27 11.46 -19.98
C PRO B 73 -23.57 12.18 -20.36
N HIS B 74 -23.77 12.39 -21.65
CA HIS B 74 -25.01 13.02 -22.10
C HIS B 74 -26.25 12.25 -21.55
N PHE B 75 -26.19 10.91 -21.56
CA PHE B 75 -27.29 10.08 -21.08
C PHE B 75 -27.52 10.17 -19.60
N LEU B 76 -26.44 10.15 -18.85
CA LEU B 76 -26.52 10.22 -17.40
C LEU B 76 -27.08 11.53 -16.90
N THR B 77 -27.06 12.56 -17.73
CA THR B 77 -27.57 13.84 -17.30
C THR B 77 -28.84 14.24 -18.07
N GLU B 78 -29.60 13.23 -18.46
CA GLU B 78 -30.83 13.49 -19.20
C GLU B 78 -31.89 14.10 -18.32
N TRP B 79 -31.88 13.70 -17.04
CA TRP B 79 -32.80 14.17 -15.99
C TRP B 79 -32.55 15.60 -15.56
N THR B 80 -31.46 16.20 -16.02
CA THR B 80 -31.05 17.58 -15.68
C THR B 80 -31.75 18.64 -16.54
N THR B 81 -32.54 19.49 -15.88
CA THR B 81 -33.34 20.54 -16.53
C THR B 81 -32.60 21.68 -17.26
N ASP B 82 -31.90 22.56 -16.52
CA ASP B 82 -31.14 23.68 -17.10
C ASP B 82 -30.11 23.15 -18.13
N PRO B 83 -30.12 23.67 -19.38
CA PRO B 83 -29.21 23.24 -20.44
C PRO B 83 -27.75 23.46 -20.13
N ASP B 84 -27.40 24.66 -19.62
CA ASP B 84 -26.01 25.03 -19.26
C ASP B 84 -25.38 24.06 -18.22
N ARG B 85 -26.05 23.91 -17.08
CA ARG B 85 -25.59 23.01 -16.02
C ARG B 85 -25.53 21.57 -16.57
N ARG B 86 -26.36 21.26 -17.56
CA ARG B 86 -26.38 19.94 -18.21
C ARG B 86 -25.11 19.82 -19.08
N ALA B 87 -24.85 20.83 -19.93
CA ALA B 87 -23.65 20.81 -20.77
C ALA B 87 -22.45 20.74 -19.84
N ALA B 88 -22.60 21.36 -18.68
CA ALA B 88 -21.58 21.40 -17.63
C ALA B 88 -21.23 20.02 -17.09
N VAL B 89 -22.15 19.42 -16.33
CA VAL B 89 -21.94 18.10 -15.75
C VAL B 89 -21.62 17.04 -16.83
N SER B 90 -22.05 17.25 -18.07
CA SER B 90 -21.81 16.28 -19.15
C SER B 90 -20.34 16.21 -19.50
N ARG B 91 -19.68 17.37 -19.55
CA ARG B 91 -18.25 17.42 -19.84
C ARG B 91 -17.46 16.96 -18.60
N ALA B 92 -17.80 17.45 -17.42
CA ALA B 92 -17.11 17.07 -16.18
C ALA B 92 -17.00 15.54 -16.07
N LEU B 93 -18.10 14.85 -16.30
CA LEU B 93 -18.11 13.40 -16.24
C LEU B 93 -17.23 12.85 -17.35
N ALA B 94 -17.30 13.43 -18.55
CA ALA B 94 -16.48 12.95 -19.67
C ALA B 94 -15.00 12.98 -19.31
N LEU B 95 -14.57 13.95 -18.52
CA LEU B 95 -13.16 14.01 -18.12
C LEU B 95 -12.78 12.83 -17.27
N ASP B 96 -13.42 12.68 -16.11
CA ASP B 96 -13.10 11.56 -15.24
C ASP B 96 -13.28 10.21 -15.92
N ILE B 97 -14.36 10.02 -16.68
CA ILE B 97 -14.57 8.73 -17.35
C ILE B 97 -13.43 8.36 -18.28
N VAL B 98 -12.90 9.33 -19.05
CA VAL B 98 -11.78 9.03 -19.94
C VAL B 98 -10.56 8.78 -19.03
N SER B 99 -10.43 9.58 -17.97
CA SER B 99 -9.35 9.41 -16.98
C SER B 99 -9.34 7.93 -16.58
N MET B 100 -10.46 7.46 -16.02
CA MET B 100 -10.59 6.08 -15.61
C MET B 100 -10.31 5.13 -16.73
N LYS B 101 -10.76 5.46 -17.95
CA LYS B 101 -10.52 4.60 -19.11
C LYS B 101 -9.05 4.40 -19.31
N LEU B 102 -8.34 5.50 -19.43
CA LEU B 102 -6.90 5.43 -19.61
C LEU B 102 -6.23 4.68 -18.45
N LEU B 103 -6.83 4.76 -17.25
CA LEU B 103 -6.24 4.06 -16.10
C LEU B 103 -6.21 2.60 -16.45
N ASP B 104 -7.22 2.14 -17.19
CA ASP B 104 -7.32 0.75 -17.62
C ASP B 104 -6.16 0.54 -18.55
N ASP B 105 -6.33 0.96 -19.79
CA ASP B 105 -5.33 0.83 -20.84
C ASP B 105 -3.87 0.81 -20.38
N LEU B 106 -3.63 1.31 -19.17
CA LEU B 106 -2.29 1.33 -18.56
C LEU B 106 -2.04 0.01 -17.82
N MET B 107 -3.12 -0.60 -17.34
CA MET B 107 -3.03 -1.88 -16.65
C MET B 107 -3.18 -3.00 -17.69
N ASP B 108 -4.21 -2.94 -18.54
CA ASP B 108 -4.37 -3.95 -19.59
C ASP B 108 -3.01 -4.01 -20.33
N ASP B 109 -2.44 -2.82 -20.57
CA ASP B 109 -1.16 -2.59 -21.25
C ASP B 109 -1.03 -2.90 -22.74
N ASP B 110 -2.13 -3.27 -23.39
CA ASP B 110 -2.13 -3.60 -24.82
C ASP B 110 -1.77 -2.38 -25.68
N THR B 111 -2.70 -1.42 -25.69
CA THR B 111 -2.64 -0.15 -26.43
C THR B 111 -1.42 0.04 -27.34
N GLY B 112 -0.27 0.29 -26.71
CA GLY B 112 0.94 0.50 -27.49
C GLY B 112 1.37 1.95 -27.35
N LEU B 113 0.56 2.75 -26.68
CA LEU B 113 0.87 4.15 -26.48
C LEU B 113 1.98 4.21 -25.46
N ASP B 114 2.50 5.39 -25.17
CA ASP B 114 3.53 5.48 -24.16
C ASP B 114 2.83 5.34 -22.82
N ARG B 115 3.48 4.69 -21.88
CA ARG B 115 2.91 4.49 -20.57
C ARG B 115 2.99 5.72 -19.71
N VAL B 116 4.11 6.45 -19.80
CA VAL B 116 4.30 7.66 -19.02
C VAL B 116 3.19 8.66 -19.23
N GLU B 117 2.77 8.84 -20.48
CA GLU B 117 1.68 9.77 -20.78
C GLU B 117 0.34 9.25 -20.20
N LEU B 118 -0.10 8.11 -20.73
CA LEU B 118 -1.32 7.48 -20.31
C LEU B 118 -1.57 7.76 -18.85
N ALA B 119 -0.53 7.64 -18.03
CA ALA B 119 -0.61 7.86 -16.58
C ALA B 119 -0.83 9.32 -16.20
N CYS B 120 0.08 10.16 -16.64
CA CYS B 120 0.01 11.58 -16.34
C CYS B 120 -1.33 12.15 -16.81
N VAL B 121 -1.60 12.03 -18.10
CA VAL B 121 -2.85 12.53 -18.68
C VAL B 121 -4.04 12.01 -17.89
N CYS B 122 -3.99 10.74 -17.51
CA CYS B 122 -5.04 10.08 -16.73
C CYS B 122 -5.25 10.92 -15.47
N LEU B 123 -4.24 10.95 -14.62
CA LEU B 123 -4.32 11.71 -13.38
C LEU B 123 -4.74 13.14 -13.66
N ARG B 124 -4.21 13.75 -14.72
CA ARG B 124 -4.56 15.12 -15.01
C ARG B 124 -6.07 15.22 -15.15
N LEU B 125 -6.59 14.62 -16.21
CA LEU B 125 -8.01 14.63 -16.46
C LEU B 125 -8.83 14.44 -15.21
N HIS B 126 -8.43 13.50 -14.38
CA HIS B 126 -9.13 13.23 -13.12
C HIS B 126 -9.19 14.49 -12.28
N LEU B 127 -8.06 14.86 -11.72
CA LEU B 127 -7.92 16.06 -10.91
C LEU B 127 -8.88 17.15 -11.38
N ARG B 128 -8.92 17.33 -12.70
CA ARG B 128 -9.79 18.33 -13.32
C ARG B 128 -11.26 18.01 -13.12
N ALA B 129 -11.67 16.82 -13.57
CA ALA B 129 -13.05 16.38 -13.42
C ALA B 129 -13.49 16.67 -11.98
N LEU B 130 -12.66 16.30 -11.01
CA LEU B 130 -12.98 16.54 -9.60
C LEU B 130 -13.20 18.03 -9.40
N HIS B 131 -12.28 18.80 -9.97
CA HIS B 131 -12.37 20.23 -9.84
C HIS B 131 -13.70 20.77 -10.33
N GLU B 132 -14.04 20.50 -11.59
CA GLU B 132 -15.29 21.01 -12.14
C GLU B 132 -16.52 20.46 -11.42
N LEU B 133 -16.62 19.13 -11.32
CA LEU B 133 -17.74 18.48 -10.64
C LEU B 133 -17.90 19.05 -9.23
N GLU B 134 -16.78 19.29 -8.59
CA GLU B 134 -16.77 19.83 -7.23
C GLU B 134 -17.46 21.21 -7.14
N SER B 135 -17.46 21.96 -8.25
CA SER B 135 -18.08 23.28 -8.31
C SER B 135 -19.59 23.22 -8.61
N LEU B 136 -19.97 22.29 -9.49
CA LEU B 136 -21.36 22.07 -9.90
C LEU B 136 -22.12 21.34 -8.81
N ALA B 137 -21.49 21.18 -7.66
CA ALA B 137 -22.13 20.47 -6.59
C ALA B 137 -22.87 21.44 -5.72
N ARG B 138 -23.84 20.90 -5.00
CA ARG B 138 -24.64 21.69 -4.08
C ARG B 138 -23.93 21.52 -2.75
N ASP B 139 -23.56 20.28 -2.44
CA ASP B 139 -22.81 19.95 -1.23
C ASP B 139 -21.39 19.61 -1.69
N PRO B 140 -20.43 20.57 -1.65
CA PRO B 140 -19.08 20.19 -2.10
C PRO B 140 -18.64 18.78 -1.62
N LYS B 141 -18.68 18.57 -0.32
CA LYS B 141 -18.32 17.29 0.28
C LYS B 141 -18.98 16.09 -0.43
N ALA B 142 -20.08 16.33 -1.14
CA ALA B 142 -20.82 15.27 -1.84
C ALA B 142 -20.11 14.41 -2.88
N VAL B 143 -19.29 15.02 -3.73
CA VAL B 143 -18.56 14.26 -4.75
C VAL B 143 -17.65 13.18 -4.16
N THR B 144 -16.71 13.57 -3.30
CA THR B 144 -15.78 12.63 -2.64
C THR B 144 -16.55 11.55 -1.90
N ASP B 145 -17.77 11.87 -1.49
CA ASP B 145 -18.64 10.93 -0.77
C ASP B 145 -18.91 9.73 -1.68
N ILE B 146 -19.60 10.00 -2.80
CA ILE B 146 -19.96 9.00 -3.79
C ILE B 146 -18.77 8.21 -4.33
N LEU B 147 -17.67 8.90 -4.68
CA LEU B 147 -16.47 8.23 -5.17
C LEU B 147 -15.88 7.25 -4.15
N GLU B 148 -15.97 7.56 -2.87
CA GLU B 148 -15.45 6.68 -1.82
C GLU B 148 -16.43 5.54 -1.39
N GLN B 149 -17.69 5.90 -1.16
CA GLN B 149 -18.74 4.99 -0.72
C GLN B 149 -18.53 3.52 -0.98
N ASP B 150 -18.07 3.16 -2.19
CA ASP B 150 -17.82 1.76 -2.60
C ASP B 150 -16.58 1.61 -3.46
N ALA B 151 -15.58 2.44 -3.18
CA ALA B 151 -14.34 2.37 -3.91
C ALA B 151 -13.75 0.99 -3.75
N VAL B 152 -13.99 0.39 -2.60
CA VAL B 152 -13.46 -0.95 -2.34
C VAL B 152 -14.16 -2.04 -3.16
N HIS B 153 -15.42 -1.83 -3.51
CA HIS B 153 -16.17 -2.81 -4.29
C HIS B 153 -15.72 -2.63 -5.73
N LEU B 154 -15.66 -1.39 -6.20
CA LEU B 154 -15.25 -1.14 -7.58
C LEU B 154 -13.85 -1.65 -7.85
N CYS B 155 -12.94 -1.41 -6.92
CA CYS B 155 -11.54 -1.82 -7.07
C CYS B 155 -11.26 -3.25 -6.74
N GLY B 156 -11.64 -3.72 -5.57
CA GLY B 156 -11.38 -5.13 -5.27
C GLY B 156 -12.12 -6.00 -6.27
N GLY B 157 -13.21 -5.48 -6.83
CA GLY B 157 -14.01 -6.20 -7.81
C GLY B 157 -13.33 -6.39 -9.15
N GLN B 158 -12.56 -5.40 -9.58
CA GLN B 158 -11.83 -5.44 -10.85
C GLN B 158 -10.50 -6.18 -10.67
N ILE B 159 -10.08 -6.35 -9.42
CA ILE B 159 -8.84 -7.05 -9.13
C ILE B 159 -9.22 -8.51 -9.24
N ARG B 160 -10.18 -8.92 -8.41
CA ARG B 160 -10.68 -10.29 -8.33
C ARG B 160 -11.33 -10.75 -9.60
N THR B 161 -11.89 -9.80 -10.35
CA THR B 161 -12.54 -10.13 -11.60
C THR B 161 -11.52 -10.76 -12.57
N LYS B 162 -10.33 -10.17 -12.62
CA LYS B 162 -9.28 -10.66 -13.51
C LYS B 162 -8.42 -11.78 -12.92
N ARG B 163 -8.58 -12.05 -11.62
CA ARG B 163 -7.83 -13.14 -10.98
C ARG B 163 -8.58 -14.42 -11.31
N SER B 164 -9.67 -14.64 -10.59
CA SER B 164 -10.53 -15.81 -10.77
C SER B 164 -11.52 -15.64 -11.93
N ARG B 165 -10.96 -15.48 -13.14
CA ARG B 165 -11.73 -15.32 -14.36
C ARG B 165 -13.00 -16.20 -14.28
N ALA B 166 -14.15 -15.63 -14.63
CA ALA B 166 -15.45 -16.32 -14.59
C ALA B 166 -15.62 -17.50 -15.57
N THR B 167 -16.47 -18.45 -15.20
CA THR B 167 -16.71 -19.63 -16.04
C THR B 167 -18.17 -20.06 -16.15
N ASN B 168 -19.08 -19.10 -16.17
CA ASN B 168 -20.51 -19.35 -16.31
C ASN B 168 -21.28 -18.04 -16.09
N LEU B 169 -22.51 -17.98 -16.58
CA LEU B 169 -23.34 -16.78 -16.48
C LEU B 169 -23.53 -16.19 -15.08
N ARG B 170 -24.22 -16.92 -14.22
CA ARG B 170 -24.45 -16.43 -12.86
C ARG B 170 -23.14 -15.94 -12.26
N GLU B 171 -22.04 -16.39 -12.85
CA GLU B 171 -20.68 -16.08 -12.42
C GLU B 171 -19.90 -15.04 -13.27
N TRP B 172 -20.47 -14.62 -14.39
CA TRP B 172 -19.81 -13.63 -15.24
C TRP B 172 -20.51 -12.34 -14.94
N ARG B 173 -21.83 -12.50 -14.76
CA ARG B 173 -22.74 -11.41 -14.48
C ARG B 173 -22.47 -10.86 -13.10
N ALA B 174 -21.60 -11.53 -12.37
CA ALA B 174 -21.26 -11.10 -11.05
C ALA B 174 -20.04 -10.21 -11.19
N HIS B 175 -19.09 -10.65 -12.01
CA HIS B 175 -17.88 -9.87 -12.22
C HIS B 175 -18.25 -8.62 -13.00
N ALA B 176 -19.19 -8.79 -13.94
CA ALA B 176 -19.63 -7.69 -14.75
C ALA B 176 -20.40 -6.66 -13.93
N SER B 177 -20.89 -7.08 -12.77
CA SER B 177 -21.65 -6.20 -11.88
C SER B 177 -20.79 -5.19 -11.14
N THR B 178 -19.46 -5.38 -11.16
CA THR B 178 -18.58 -4.45 -10.46
C THR B 178 -17.91 -3.52 -11.44
N TYR B 179 -16.86 -3.97 -12.14
CA TYR B 179 -16.16 -3.08 -13.09
C TYR B 179 -17.09 -2.45 -14.13
N GLY B 180 -18.27 -3.04 -14.30
CA GLY B 180 -19.24 -2.50 -15.26
C GLY B 180 -20.38 -1.71 -14.65
N SER B 181 -21.22 -2.40 -13.88
CA SER B 181 -22.36 -1.76 -13.23
C SER B 181 -22.00 -0.69 -12.18
N THR B 182 -21.26 -1.03 -11.13
CA THR B 182 -20.90 -0.05 -10.10
C THR B 182 -20.04 1.11 -10.59
N PHE B 183 -19.28 0.88 -11.65
CA PHE B 183 -18.41 1.89 -12.26
C PHE B 183 -19.22 3.08 -12.72
N LEU B 184 -20.18 2.83 -13.61
CA LEU B 184 -21.06 3.85 -14.17
C LEU B 184 -22.15 4.25 -13.21
N GLY B 185 -22.44 3.39 -12.25
CA GLY B 185 -23.43 3.73 -11.25
C GLY B 185 -23.00 5.02 -10.57
N ARG B 186 -21.73 5.10 -10.15
CA ARG B 186 -21.20 6.28 -9.47
C ARG B 186 -21.31 7.58 -10.25
N TYR B 187 -21.02 7.55 -11.56
CA TYR B 187 -21.10 8.77 -12.34
C TYR B 187 -22.53 9.06 -12.42
N GLY B 188 -23.34 8.02 -12.27
CA GLY B 188 -24.76 8.20 -12.31
C GLY B 188 -25.14 9.04 -11.11
N ALA B 189 -24.64 8.64 -9.93
CA ALA B 189 -24.88 9.34 -8.67
C ALA B 189 -24.33 10.77 -8.73
N LEU B 190 -23.09 10.91 -9.22
CA LEU B 190 -22.45 12.22 -9.37
C LEU B 190 -23.36 13.08 -10.25
N ALA B 191 -23.65 12.56 -11.44
CA ALA B 191 -24.53 13.22 -12.41
C ALA B 191 -25.77 13.74 -11.73
N ALA B 192 -26.25 13.02 -10.70
CA ALA B 192 -27.43 13.42 -9.93
C ALA B 192 -27.10 14.44 -8.81
N ALA B 193 -25.97 14.31 -8.13
CA ALA B 193 -25.59 15.26 -7.08
C ALA B 193 -25.12 16.62 -7.61
N CYS B 194 -24.88 16.67 -8.92
CA CYS B 194 -24.40 17.87 -9.60
C CYS B 194 -25.40 18.29 -10.66
N GLY B 195 -26.49 17.55 -10.77
CA GLY B 195 -27.50 17.86 -11.76
C GLY B 195 -28.38 18.98 -11.27
N GLY B 196 -28.70 18.96 -9.98
CA GLY B 196 -29.53 20.01 -9.44
C GLY B 196 -30.82 19.47 -8.88
N GLU B 197 -30.98 19.64 -7.57
CA GLU B 197 -32.15 19.23 -6.77
C GLU B 197 -33.39 18.90 -7.62
N GLY B 198 -34.14 17.89 -7.19
CA GLY B 198 -35.35 17.47 -7.90
C GLY B 198 -35.00 16.44 -8.97
N GLN B 199 -34.05 15.59 -8.62
CA GLN B 199 -33.62 14.56 -9.54
C GLN B 199 -33.80 13.21 -8.88
N PRO B 200 -34.40 12.26 -9.60
CA PRO B 200 -34.63 10.91 -9.07
C PRO B 200 -33.31 10.22 -8.64
N ALA B 201 -32.62 10.83 -7.67
CA ALA B 201 -31.34 10.36 -7.14
C ALA B 201 -30.91 8.93 -7.49
N ASP B 202 -31.64 7.97 -6.96
CA ASP B 202 -31.34 6.57 -7.16
C ASP B 202 -31.83 5.90 -8.43
N SER B 203 -32.78 6.54 -9.12
CA SER B 203 -33.34 6.04 -10.38
C SER B 203 -32.33 6.29 -11.49
N VAL B 204 -31.52 7.34 -11.32
CA VAL B 204 -30.51 7.68 -12.28
C VAL B 204 -29.49 6.57 -12.19
N ARG B 205 -29.16 6.21 -10.97
CA ARG B 205 -28.17 5.17 -10.74
C ARG B 205 -28.65 3.80 -11.27
N GLU B 206 -29.96 3.56 -11.21
CA GLU B 206 -30.50 2.27 -11.67
C GLU B 206 -30.26 2.19 -13.14
N PHE B 207 -30.56 3.28 -13.83
CA PHE B 207 -30.39 3.33 -15.26
C PHE B 207 -28.95 3.12 -15.64
N ALA B 208 -28.07 3.77 -14.89
CA ALA B 208 -26.65 3.68 -15.16
C ALA B 208 -26.19 2.23 -15.03
N GLU B 209 -26.43 1.65 -13.87
CA GLU B 209 -26.02 0.29 -13.61
C GLU B 209 -26.65 -0.71 -14.58
N ALA B 210 -27.91 -0.49 -14.95
CA ALA B 210 -28.57 -1.40 -15.86
C ALA B 210 -27.94 -1.21 -17.23
N PHE B 211 -28.03 -0.01 -17.75
CA PHE B 211 -27.42 0.29 -19.05
C PHE B 211 -25.99 -0.24 -19.14
N ALA B 212 -25.19 0.09 -18.16
CA ALA B 212 -23.80 -0.34 -18.14
C ALA B 212 -23.59 -1.81 -18.49
N MET B 213 -24.33 -2.72 -17.87
CA MET B 213 -24.14 -4.15 -18.18
C MET B 213 -24.55 -4.54 -19.62
N THR B 214 -25.59 -3.92 -20.16
CA THR B 214 -26.00 -4.22 -21.52
C THR B 214 -24.82 -3.90 -22.44
N ILE B 215 -24.03 -2.92 -22.03
CA ILE B 215 -22.89 -2.53 -22.82
C ILE B 215 -21.79 -3.52 -22.67
N THR B 216 -21.59 -3.99 -21.45
CA THR B 216 -20.54 -4.95 -21.16
C THR B 216 -20.74 -6.23 -21.97
N MET B 217 -22.00 -6.61 -22.16
CA MET B 217 -22.28 -7.79 -22.94
C MET B 217 -21.98 -7.42 -24.38
N ALA B 218 -22.25 -6.17 -24.74
CA ALA B 218 -22.00 -5.71 -26.10
C ALA B 218 -20.48 -5.71 -26.35
N ASP B 219 -19.71 -5.45 -25.32
CA ASP B 219 -18.26 -5.42 -25.48
C ASP B 219 -17.69 -6.82 -25.52
N ASP B 220 -18.27 -7.74 -24.76
CA ASP B 220 -17.81 -9.13 -24.74
C ASP B 220 -18.24 -9.87 -26.02
N LEU B 221 -19.48 -9.66 -26.45
CA LEU B 221 -19.97 -10.32 -27.64
C LEU B 221 -19.25 -9.88 -28.92
N THR B 222 -18.61 -8.72 -28.85
CA THR B 222 -17.88 -8.17 -29.98
C THR B 222 -16.39 -8.37 -29.84
N ASP B 223 -15.87 -8.06 -28.66
CA ASP B 223 -14.43 -8.16 -28.33
C ASP B 223 -13.87 -9.60 -28.34
N TYR B 224 -14.71 -10.57 -28.73
CA TYR B 224 -14.28 -11.98 -28.81
C TYR B 224 -13.85 -12.19 -30.26
N ASP B 225 -14.72 -11.74 -31.17
CA ASP B 225 -14.48 -11.83 -32.62
C ASP B 225 -13.29 -10.96 -33.05
N ARG B 226 -13.38 -9.65 -32.77
CA ARG B 226 -12.34 -8.68 -33.15
C ARG B 226 -10.91 -9.06 -32.72
N ASN B 227 -10.55 -8.79 -31.47
CA ASN B 227 -9.21 -9.14 -30.99
C ASN B 227 -9.24 -10.47 -30.22
N GLY B 228 -9.43 -11.56 -30.96
CA GLY B 228 -9.48 -12.90 -30.38
C GLY B 228 -9.24 -12.95 -28.88
N GLU B 229 -10.32 -13.09 -28.12
CA GLU B 229 -10.29 -13.15 -26.64
C GLU B 229 -10.95 -14.49 -26.25
N ARG B 230 -10.90 -14.88 -24.97
CA ARG B 230 -11.52 -16.15 -24.62
C ARG B 230 -11.61 -16.56 -23.13
N ASP B 231 -10.72 -16.06 -22.28
CA ASP B 231 -10.76 -16.46 -20.87
C ASP B 231 -11.65 -15.63 -19.95
N GLY B 232 -12.84 -16.15 -19.67
CA GLY B 232 -13.79 -15.45 -18.82
C GLY B 232 -14.78 -14.67 -19.67
N ASN B 233 -14.47 -14.60 -20.96
CA ASN B 233 -15.24 -13.92 -22.01
C ASN B 233 -16.67 -14.47 -22.06
N LEU B 234 -17.67 -13.60 -22.20
CA LEU B 234 -19.05 -14.06 -22.25
C LEU B 234 -19.36 -14.75 -23.56
N ALA B 235 -18.50 -14.54 -24.55
CA ALA B 235 -18.68 -15.14 -25.87
C ALA B 235 -18.22 -16.58 -25.83
N HIS B 236 -17.11 -16.81 -25.16
CA HIS B 236 -16.59 -18.15 -25.05
C HIS B 236 -17.58 -19.01 -24.28
N LEU B 237 -17.90 -18.57 -23.07
CA LEU B 237 -18.80 -19.31 -22.19
C LEU B 237 -20.07 -19.80 -22.88
N MET B 238 -20.39 -19.21 -24.02
CA MET B 238 -21.57 -19.61 -24.79
C MET B 238 -21.12 -20.72 -25.75
N ARG B 239 -19.96 -20.50 -26.36
CA ARG B 239 -19.31 -21.39 -27.33
C ARG B 239 -18.91 -22.73 -26.73
N THR B 240 -19.16 -22.91 -25.44
CA THR B 240 -18.77 -24.13 -24.77
C THR B 240 -19.82 -24.64 -23.79
N GLY B 241 -21.09 -24.42 -24.10
CA GLY B 241 -22.15 -24.87 -23.21
C GLY B 241 -22.08 -24.43 -21.75
N ALA B 242 -21.30 -23.39 -21.45
CA ALA B 242 -21.16 -22.86 -20.08
C ALA B 242 -22.21 -21.79 -19.77
N VAL B 243 -22.92 -21.35 -20.81
CA VAL B 243 -23.98 -20.35 -20.71
C VAL B 243 -24.86 -20.49 -21.95
N ALA B 244 -26.15 -20.77 -21.75
CA ALA B 244 -27.08 -20.94 -22.88
C ALA B 244 -27.43 -19.58 -23.54
N GLY B 245 -27.47 -19.56 -24.87
CA GLY B 245 -27.78 -18.33 -25.59
C GLY B 245 -29.11 -17.79 -25.11
N GLN B 246 -30.02 -18.68 -24.75
CA GLN B 246 -31.35 -18.28 -24.24
C GLN B 246 -31.25 -17.52 -22.90
N ASP B 247 -30.23 -17.82 -22.11
CA ASP B 247 -30.03 -17.14 -20.84
C ASP B 247 -29.47 -15.75 -21.11
N VAL B 248 -28.48 -15.66 -21.98
CA VAL B 248 -27.89 -14.38 -22.33
C VAL B 248 -29.05 -13.46 -22.72
N VAL B 249 -29.91 -13.94 -23.60
CA VAL B 249 -31.07 -13.16 -24.05
C VAL B 249 -31.95 -12.78 -22.85
N ASP B 250 -32.36 -13.76 -22.06
CA ASP B 250 -33.21 -13.49 -20.89
C ASP B 250 -32.70 -12.29 -20.11
N LEU B 251 -31.42 -12.35 -19.73
CA LEU B 251 -30.75 -11.29 -18.97
C LEU B 251 -30.75 -9.96 -19.72
N LEU B 252 -30.35 -9.99 -20.99
CA LEU B 252 -30.30 -8.81 -21.84
C LEU B 252 -31.66 -8.17 -21.89
N GLU B 253 -32.68 -9.00 -21.77
CA GLU B 253 -34.08 -8.56 -21.81
C GLU B 253 -34.55 -7.99 -20.48
N GLU B 254 -33.85 -8.41 -19.42
CA GLU B 254 -34.11 -7.99 -18.06
C GLU B 254 -33.43 -6.63 -17.85
N LEU B 255 -32.25 -6.46 -18.44
CA LEU B 255 -31.53 -5.21 -18.34
C LEU B 255 -32.27 -4.10 -19.05
N ARG B 256 -32.99 -4.43 -20.11
CA ARG B 256 -33.73 -3.42 -20.79
C ARG B 256 -34.85 -3.11 -19.86
N GLY B 257 -35.45 -4.15 -19.30
CA GLY B 257 -36.56 -3.94 -18.38
C GLY B 257 -36.17 -3.04 -17.23
N ARG B 258 -35.11 -3.43 -16.52
CA ARG B 258 -34.58 -2.67 -15.39
C ARG B 258 -34.28 -1.24 -15.79
N ALA B 259 -33.70 -1.06 -16.97
CA ALA B 259 -33.35 0.28 -17.46
C ALA B 259 -34.59 1.09 -17.80
N LEU B 260 -35.41 0.58 -18.70
CA LEU B 260 -36.63 1.27 -19.11
C LEU B 260 -37.48 1.60 -17.91
N ALA B 261 -37.27 0.85 -16.83
CA ALA B 261 -38.01 1.03 -15.58
C ALA B 261 -37.56 2.31 -14.89
N ALA B 262 -36.25 2.46 -14.76
CA ALA B 262 -35.68 3.61 -14.12
C ALA B 262 -35.91 4.84 -14.94
N VAL B 263 -36.03 4.72 -16.24
CA VAL B 263 -36.20 5.95 -16.97
C VAL B 263 -37.57 6.53 -16.72
N ALA B 264 -38.56 5.68 -16.45
CA ALA B 264 -39.95 6.09 -16.20
C ALA B 264 -40.13 6.80 -14.85
N ALA B 265 -39.48 6.26 -13.81
CA ALA B 265 -39.54 6.83 -12.48
C ALA B 265 -39.56 8.35 -12.55
N PRO B 266 -40.62 8.94 -11.95
CA PRO B 266 -40.96 10.36 -11.84
C PRO B 266 -39.86 11.31 -11.33
N PRO B 267 -39.61 12.44 -12.05
CA PRO B 267 -40.32 12.84 -13.29
C PRO B 267 -40.30 11.80 -14.41
N GLY B 268 -39.10 11.52 -14.91
CA GLY B 268 -38.97 10.56 -15.99
C GLY B 268 -38.23 11.11 -17.18
N ALA B 269 -37.39 10.28 -17.75
CA ALA B 269 -36.58 10.63 -18.88
C ALA B 269 -37.10 10.02 -20.18
N PRO B 270 -38.18 10.55 -20.69
CA PRO B 270 -38.74 10.01 -21.93
C PRO B 270 -37.69 9.81 -23.00
N GLY B 271 -36.79 10.77 -23.10
CA GLY B 271 -35.76 10.73 -24.11
C GLY B 271 -34.90 9.49 -24.13
N LEU B 272 -34.71 8.86 -22.99
CA LEU B 272 -33.87 7.68 -22.90
C LEU B 272 -34.56 6.39 -23.28
N VAL B 273 -35.89 6.40 -23.32
CA VAL B 273 -36.62 5.20 -23.68
C VAL B 273 -36.13 4.64 -25.03
N PRO B 274 -36.04 5.49 -26.07
CA PRO B 274 -35.58 5.06 -27.39
C PRO B 274 -34.14 4.49 -27.34
N VAL B 275 -33.27 5.19 -26.63
CA VAL B 275 -31.89 4.77 -26.47
C VAL B 275 -31.75 3.36 -25.91
N VAL B 276 -32.39 3.13 -24.77
CA VAL B 276 -32.31 1.85 -24.06
C VAL B 276 -32.64 0.72 -24.98
N HIS B 277 -33.63 0.93 -25.85
CA HIS B 277 -34.07 -0.08 -26.82
C HIS B 277 -33.01 -0.17 -27.86
N LEU B 278 -32.76 0.96 -28.48
CA LEU B 278 -31.75 1.05 -29.50
C LEU B 278 -30.52 0.18 -29.20
N TYR B 279 -30.02 0.25 -27.96
CA TYR B 279 -28.82 -0.50 -27.56
C TYR B 279 -29.05 -1.99 -27.28
N THR B 280 -30.00 -2.30 -26.42
CA THR B 280 -30.31 -3.69 -26.06
C THR B 280 -30.81 -4.40 -27.35
N ASP B 281 -31.52 -3.68 -28.21
CA ASP B 281 -32.00 -4.26 -29.46
C ASP B 281 -30.79 -4.57 -30.33
N ASP B 282 -29.77 -3.74 -30.24
CA ASP B 282 -28.59 -3.95 -31.03
C ASP B 282 -27.79 -5.19 -30.66
N VAL B 283 -27.58 -5.44 -29.39
CA VAL B 283 -26.87 -6.64 -29.01
C VAL B 283 -27.69 -7.83 -29.53
N LEU B 284 -29.00 -7.79 -29.31
CA LEU B 284 -29.87 -8.89 -29.74
C LEU B 284 -29.87 -9.15 -31.25
N VAL B 285 -29.93 -8.08 -32.01
CA VAL B 285 -29.98 -8.18 -33.46
C VAL B 285 -28.67 -8.56 -34.13
N ARG B 286 -27.59 -7.81 -33.86
CA ARG B 286 -26.32 -8.06 -34.51
C ARG B 286 -25.16 -8.65 -33.70
N LEU B 287 -25.33 -8.88 -32.41
CA LEU B 287 -24.24 -9.47 -31.63
C LEU B 287 -24.52 -10.94 -31.29
N LEU B 288 -25.58 -11.20 -30.51
CA LEU B 288 -26.01 -12.56 -30.13
C LEU B 288 -26.17 -13.52 -31.36
N PRO B 289 -26.44 -12.98 -32.59
CA PRO B 289 -26.58 -13.93 -33.70
C PRO B 289 -25.28 -14.62 -34.09
N ARG B 290 -24.17 -13.89 -34.06
CA ARG B 290 -22.85 -14.46 -34.41
C ARG B 290 -22.51 -15.73 -33.64
N HIS B 291 -23.04 -15.83 -32.42
CA HIS B 291 -22.79 -16.97 -31.54
C HIS B 291 -24.06 -17.83 -31.37
N TYR C 31 11.96 15.33 18.40
CA TYR C 31 12.71 14.06 18.52
C TYR C 31 12.83 13.33 17.19
N PHE C 32 13.78 12.40 17.14
CA PHE C 32 13.99 11.57 15.94
C PHE C 32 13.26 10.30 16.32
N GLN C 33 12.23 10.48 17.15
CA GLN C 33 11.33 9.42 17.64
C GLN C 33 9.95 9.74 17.07
N SER C 34 9.36 10.83 17.54
CA SER C 34 8.06 11.27 17.08
C SER C 34 7.88 10.89 15.61
N MET C 35 8.98 10.98 14.84
CA MET C 35 9.05 10.66 13.42
C MET C 35 8.78 9.20 13.05
N LEU C 36 9.60 8.30 13.59
CA LEU C 36 9.45 6.88 13.34
C LEU C 36 8.19 6.33 13.95
N ALA C 37 7.57 7.08 14.87
CA ALA C 37 6.33 6.65 15.52
C ALA C 37 5.14 6.99 14.63
N ALA C 38 5.32 8.02 13.83
CA ALA C 38 4.29 8.42 12.91
C ALA C 38 4.54 7.60 11.64
N GLU C 39 5.81 7.33 11.32
CA GLU C 39 6.16 6.55 10.13
C GLU C 39 5.53 5.18 10.32
N ALA C 40 5.48 4.75 11.58
CA ALA C 40 4.91 3.46 11.96
C ALA C 40 3.39 3.48 12.01
N ALA C 41 2.83 4.65 12.32
CA ALA C 41 1.38 4.80 12.40
C ALA C 41 0.76 5.02 11.01
N ASN C 42 1.54 5.61 10.10
CA ASN C 42 1.11 5.86 8.73
C ASN C 42 1.34 4.62 7.93
N ARG C 43 2.44 3.92 8.21
CA ARG C 43 2.76 2.68 7.50
C ARG C 43 1.68 1.66 7.79
N ASP C 44 1.02 1.84 8.93
CA ASP C 44 -0.04 0.94 9.31
C ASP C 44 -1.33 1.29 8.61
N HIS C 45 -1.74 2.54 8.70
CA HIS C 45 -2.98 2.89 8.06
C HIS C 45 -2.96 2.51 6.60
N VAL C 46 -1.91 2.86 5.87
CA VAL C 46 -1.79 2.52 4.44
C VAL C 46 -1.83 1.01 4.18
N THR C 47 -0.88 0.28 4.74
CA THR C 47 -0.84 -1.17 4.51
C THR C 47 -2.13 -1.89 4.88
N ARG C 48 -2.99 -1.24 5.64
CA ARG C 48 -4.26 -1.83 6.07
C ARG C 48 -5.34 -1.61 5.02
N CYS C 49 -5.20 -0.50 4.30
CA CYS C 49 -6.10 -0.10 3.23
C CYS C 49 -5.71 -0.94 2.02
N VAL C 50 -4.39 -1.07 1.82
CA VAL C 50 -3.81 -1.85 0.71
C VAL C 50 -4.23 -3.29 0.72
N ALA C 51 -4.20 -3.89 1.91
CA ALA C 51 -4.56 -5.28 2.05
C ALA C 51 -6.04 -5.51 1.98
N GLN C 52 -6.83 -4.70 2.68
CA GLN C 52 -8.27 -4.88 2.66
C GLN C 52 -8.92 -4.58 1.31
N THR C 53 -8.12 -4.19 0.33
CA THR C 53 -8.66 -3.91 -1.00
C THR C 53 -8.33 -5.03 -2.00
N GLY C 54 -7.43 -5.89 -1.59
CA GLY C 54 -7.02 -7.01 -2.42
C GLY C 54 -5.51 -7.05 -2.59
N GLY C 55 -4.80 -6.22 -1.84
CA GLY C 55 -3.37 -6.16 -1.93
C GLY C 55 -2.79 -7.52 -1.74
N SER C 56 -1.81 -7.84 -2.56
CA SER C 56 -1.15 -9.14 -2.50
C SER C 56 -0.12 -9.09 -1.37
N PRO C 57 0.43 -10.24 -0.94
CA PRO C 57 1.41 -10.23 0.14
C PRO C 57 2.71 -9.56 -0.28
N ASP C 58 2.90 -9.41 -1.60
CA ASP C 58 4.09 -8.80 -2.19
C ASP C 58 3.94 -7.29 -2.31
N LEU C 59 2.70 -6.87 -2.34
CA LEU C 59 2.37 -5.47 -2.48
C LEU C 59 2.15 -4.78 -1.11
N VAL C 60 1.47 -5.44 -0.20
CA VAL C 60 1.25 -4.85 1.12
C VAL C 60 2.66 -4.68 1.66
N ALA C 61 3.49 -5.63 1.26
CA ALA C 61 4.90 -5.68 1.70
C ALA C 61 5.70 -4.57 1.06
N HIS C 62 5.39 -4.30 -0.20
CA HIS C 62 6.04 -3.23 -0.93
C HIS C 62 5.66 -1.89 -0.32
N THR C 63 4.36 -1.57 -0.26
CA THR C 63 3.92 -0.30 0.32
C THR C 63 4.23 -0.11 1.82
N ALA C 64 4.58 -1.20 2.51
CA ALA C 64 4.92 -1.11 3.91
C ALA C 64 6.36 -0.65 4.02
N ALA C 65 7.15 -1.01 3.00
CA ALA C 65 8.57 -0.69 2.92
C ALA C 65 8.90 0.63 2.26
N LEU C 66 7.89 1.46 2.03
CA LEU C 66 8.15 2.75 1.41
C LEU C 66 8.29 3.74 2.53
N ARG C 67 9.41 3.60 3.24
CA ARG C 67 9.75 4.42 4.40
C ARG C 67 9.65 5.92 4.20
N LEU C 68 10.44 6.45 3.26
CA LEU C 68 10.45 7.89 2.99
C LEU C 68 9.04 8.46 2.74
N TYR C 69 8.30 7.91 1.78
CA TYR C 69 6.96 8.39 1.48
C TYR C 69 6.08 8.43 2.70
N LEU C 70 6.07 7.36 3.49
CA LEU C 70 5.27 7.21 4.73
C LEU C 70 5.64 8.20 5.82
N ARG C 71 6.91 8.57 5.86
CA ARG C 71 7.40 9.50 6.87
C ARG C 71 7.27 10.98 6.49
N VAL C 72 7.46 11.27 5.20
CA VAL C 72 7.38 12.64 4.71
C VAL C 72 6.15 13.38 5.24
N PRO C 73 4.96 12.75 5.25
CA PRO C 73 3.79 13.49 5.75
C PRO C 73 3.99 14.00 7.16
N HIS C 74 4.72 13.29 7.98
CA HIS C 74 4.90 13.85 9.30
C HIS C 74 5.58 15.25 9.21
N PHE C 75 6.59 15.40 8.35
CA PHE C 75 7.31 16.68 8.16
C PHE C 75 6.42 17.81 7.66
N LEU C 76 5.61 17.52 6.65
CA LEU C 76 4.73 18.50 6.03
C LEU C 76 3.68 19.03 6.99
N THR C 77 3.43 18.33 8.09
CA THR C 77 2.46 18.80 9.07
C THR C 77 3.06 19.19 10.39
N GLU C 78 4.35 19.55 10.36
CA GLU C 78 5.06 19.98 11.56
C GLU C 78 4.51 21.31 12.11
N TRP C 79 4.03 22.17 11.19
CA TRP C 79 3.47 23.49 11.51
C TRP C 79 2.04 23.39 12.17
N THR C 80 1.50 22.16 12.21
CA THR C 80 0.17 21.84 12.76
C THR C 80 0.17 21.65 14.29
N THR C 81 -0.55 22.55 14.97
CA THR C 81 -0.63 22.54 16.43
C THR C 81 -1.34 21.36 17.12
N ASP C 82 -2.65 21.19 16.93
CA ASP C 82 -3.37 20.08 17.59
C ASP C 82 -2.79 18.75 17.13
N PRO C 83 -2.51 17.85 18.08
CA PRO C 83 -1.94 16.51 17.82
C PRO C 83 -2.83 15.58 16.94
N ASP C 84 -4.10 15.42 17.31
CA ASP C 84 -5.03 14.57 16.58
C ASP C 84 -5.16 14.93 15.12
N ARG C 85 -5.48 16.19 14.87
CA ARG C 85 -5.62 16.68 13.51
C ARG C 85 -4.28 16.55 12.76
N ARG C 86 -3.17 16.52 13.51
CA ARG C 86 -1.85 16.38 12.92
C ARG C 86 -1.69 14.92 12.50
N ALA C 87 -2.06 14.00 13.41
CA ALA C 87 -1.99 12.56 13.15
C ALA C 87 -2.92 12.30 11.97
N ALA C 88 -4.02 13.03 11.98
CA ALA C 88 -5.05 12.97 10.94
C ALA C 88 -4.49 13.28 9.54
N VAL C 89 -4.18 14.55 9.29
CA VAL C 89 -3.62 14.91 7.99
C VAL C 89 -2.33 14.17 7.62
N SER C 90 -1.60 13.66 8.62
CA SER C 90 -0.36 12.96 8.32
C SER C 90 -0.68 11.67 7.62
N ARG C 91 -1.72 10.96 8.07
CA ARG C 91 -2.06 9.71 7.42
C ARG C 91 -2.71 9.98 6.05
N ALA C 92 -3.70 10.88 6.05
CA ALA C 92 -4.37 11.22 4.83
C ALA C 92 -3.37 11.44 3.69
N LEU C 93 -2.36 12.25 3.95
CA LEU C 93 -1.36 12.54 2.92
C LEU C 93 -0.65 11.26 2.59
N ALA C 94 -0.38 10.47 3.60
CA ALA C 94 0.32 9.23 3.38
C ALA C 94 -0.43 8.39 2.37
N LEU C 95 -1.75 8.44 2.44
CA LEU C 95 -2.54 7.65 1.51
C LEU C 95 -2.34 8.08 0.07
N ASP C 96 -2.62 9.33 -0.23
CA ASP C 96 -2.45 9.82 -1.58
C ASP C 96 -0.99 9.66 -2.08
N ILE C 97 -0.01 9.99 -1.22
CA ILE C 97 1.40 9.91 -1.62
C ILE C 97 1.77 8.51 -2.09
N VAL C 98 1.32 7.51 -1.35
CA VAL C 98 1.61 6.17 -1.77
C VAL C 98 0.85 5.91 -3.07
N SER C 99 -0.41 6.35 -3.09
CA SER C 99 -1.24 6.18 -4.26
C SER C 99 -0.41 6.62 -5.47
N MET C 100 0.03 7.88 -5.40
CA MET C 100 0.79 8.49 -6.47
C MET C 100 2.04 7.67 -6.74
N LYS C 101 2.68 7.22 -5.68
CA LYS C 101 3.87 6.41 -5.80
C LYS C 101 3.57 5.23 -6.71
N LEU C 102 2.54 4.49 -6.36
CA LEU C 102 2.18 3.31 -7.12
C LEU C 102 1.77 3.69 -8.53
N LEU C 103 1.30 4.90 -8.70
CA LEU C 103 0.92 5.35 -10.04
C LEU C 103 2.20 5.27 -10.94
N ASP C 104 3.33 5.61 -10.31
CA ASP C 104 4.63 5.56 -10.97
C ASP C 104 4.83 4.15 -11.38
N ASP C 105 5.38 3.42 -10.45
CA ASP C 105 5.72 2.01 -10.56
C ASP C 105 4.90 1.22 -11.59
N LEU C 106 3.74 1.76 -11.98
CA LEU C 106 2.85 1.13 -12.98
C LEU C 106 3.27 1.64 -14.38
N MET C 107 3.85 2.85 -14.41
CA MET C 107 4.35 3.46 -15.65
C MET C 107 5.82 3.02 -15.83
N ASP C 108 6.65 3.20 -14.81
CA ASP C 108 8.05 2.78 -14.90
C ASP C 108 8.08 1.31 -15.30
N ASP C 109 7.11 0.56 -14.78
CA ASP C 109 6.89 -0.89 -15.03
C ASP C 109 7.93 -1.91 -14.52
N ASP C 110 8.99 -1.41 -13.88
CA ASP C 110 10.03 -2.30 -13.38
C ASP C 110 9.52 -3.31 -12.34
N THR C 111 9.21 -2.78 -11.14
CA THR C 111 8.74 -3.51 -9.96
C THR C 111 8.62 -5.04 -10.12
N GLY C 112 7.66 -5.51 -10.91
CA GLY C 112 7.49 -6.94 -11.10
C GLY C 112 6.23 -7.42 -10.43
N LEU C 113 5.57 -6.51 -9.72
CA LEU C 113 4.32 -6.78 -9.03
C LEU C 113 3.26 -6.92 -10.10
N ASP C 114 2.03 -7.25 -9.73
CA ASP C 114 0.98 -7.37 -10.73
C ASP C 114 0.54 -5.96 -11.11
N ARG C 115 0.23 -5.77 -12.38
CA ARG C 115 -0.15 -4.46 -12.83
C ARG C 115 -1.55 -4.11 -12.44
N VAL C 116 -2.42 -5.10 -12.52
CA VAL C 116 -3.82 -4.91 -12.21
C VAL C 116 -4.02 -4.38 -10.78
N GLU C 117 -3.31 -4.94 -9.80
CA GLU C 117 -3.42 -4.48 -8.42
C GLU C 117 -2.89 -3.06 -8.33
N LEU C 118 -1.60 -2.90 -8.58
CA LEU C 118 -0.97 -1.59 -8.50
C LEU C 118 -1.93 -0.48 -8.89
N ALA C 119 -2.66 -0.70 -9.97
CA ALA C 119 -3.62 0.27 -10.49
C ALA C 119 -4.79 0.50 -9.56
N CYS C 120 -5.52 -0.57 -9.28
CA CYS C 120 -6.68 -0.52 -8.39
C CYS C 120 -6.31 0.01 -7.04
N VAL C 121 -5.37 -0.66 -6.38
CA VAL C 121 -4.93 -0.21 -5.08
C VAL C 121 -4.57 1.27 -5.13
N CYS C 122 -3.87 1.64 -6.19
CA CYS C 122 -3.51 3.03 -6.36
C CYS C 122 -4.78 3.88 -6.26
N LEU C 123 -5.66 3.75 -7.25
CA LEU C 123 -6.90 4.50 -7.30
C LEU C 123 -7.66 4.43 -6.00
N ARG C 124 -7.67 3.25 -5.38
CA ARG C 124 -8.40 3.09 -4.14
C ARG C 124 -7.81 4.06 -3.16
N LEU C 125 -6.53 3.88 -2.80
CA LEU C 125 -5.84 4.76 -1.85
C LEU C 125 -6.13 6.24 -2.10
N HIS C 126 -6.06 6.64 -3.36
CA HIS C 126 -6.33 8.03 -3.71
C HIS C 126 -7.73 8.36 -3.20
N LEU C 127 -8.75 7.83 -3.89
CA LEU C 127 -10.14 8.07 -3.53
C LEU C 127 -10.30 8.28 -2.05
N ARG C 128 -9.64 7.45 -1.27
CA ARG C 128 -9.75 7.56 0.17
C ARG C 128 -9.05 8.82 0.68
N ALA C 129 -7.80 9.02 0.31
CA ALA C 129 -7.06 10.20 0.77
C ALA C 129 -7.94 11.42 0.54
N LEU C 130 -8.51 11.51 -0.66
CA LEU C 130 -9.38 12.64 -0.99
C LEU C 130 -10.47 12.68 0.02
N HIS C 131 -11.06 11.53 0.30
CA HIS C 131 -12.14 11.54 1.25
C HIS C 131 -11.79 12.09 2.62
N GLU C 132 -10.72 11.56 3.22
CA GLU C 132 -10.32 12.03 4.54
C GLU C 132 -9.88 13.47 4.50
N LEU C 133 -8.90 13.79 3.64
CA LEU C 133 -8.42 15.17 3.48
C LEU C 133 -9.60 16.15 3.33
N GLU C 134 -10.58 15.74 2.54
CA GLU C 134 -11.75 16.53 2.28
C GLU C 134 -12.52 16.82 3.55
N SER C 135 -12.41 15.98 4.56
CA SER C 135 -13.14 16.20 5.82
C SER C 135 -12.34 17.10 6.77
N LEU C 136 -11.02 16.99 6.70
CA LEU C 136 -10.10 17.78 7.54
C LEU C 136 -9.87 19.14 6.95
N ALA C 137 -10.70 19.51 5.99
CA ALA C 137 -10.60 20.80 5.36
C ALA C 137 -11.56 21.78 6.02
N ARG C 138 -11.25 23.06 5.87
CA ARG C 138 -12.07 24.14 6.40
C ARG C 138 -13.02 24.46 5.24
N ASP C 139 -12.42 24.59 4.06
CA ASP C 139 -13.11 24.87 2.81
C ASP C 139 -13.10 23.57 1.99
N PRO C 140 -14.19 22.77 2.05
CA PRO C 140 -14.20 21.52 1.28
C PRO C 140 -13.60 21.72 -0.10
N LYS C 141 -14.22 22.61 -0.88
CA LYS C 141 -13.74 22.89 -2.21
C LYS C 141 -12.20 23.10 -2.29
N ALA C 142 -11.57 23.47 -1.16
CA ALA C 142 -10.13 23.73 -1.11
C ALA C 142 -9.17 22.67 -1.64
N VAL C 143 -9.46 21.41 -1.35
CA VAL C 143 -8.59 20.31 -1.76
C VAL C 143 -8.45 20.19 -3.27
N THR C 144 -9.58 20.01 -3.94
CA THR C 144 -9.64 19.86 -5.39
C THR C 144 -8.96 21.05 -6.04
N ASP C 145 -8.94 22.18 -5.33
CA ASP C 145 -8.32 23.40 -5.84
C ASP C 145 -6.85 23.15 -6.05
N ILE C 146 -6.17 22.88 -4.94
CA ILE C 146 -4.74 22.68 -4.92
C ILE C 146 -4.29 21.61 -5.89
N LEU C 147 -5.01 20.50 -5.90
CA LEU C 147 -4.68 19.38 -6.80
C LEU C 147 -4.72 19.78 -8.27
N GLU C 148 -5.70 20.61 -8.61
CA GLU C 148 -5.89 21.08 -9.98
C GLU C 148 -4.90 22.20 -10.38
N GLN C 149 -4.85 23.24 -9.55
CA GLN C 149 -3.99 24.41 -9.75
C GLN C 149 -2.86 24.31 -10.78
N ASP C 150 -2.09 23.23 -10.73
CA ASP C 150 -0.99 23.08 -11.67
C ASP C 150 -0.83 21.64 -12.04
N ALA C 151 -1.94 20.92 -12.06
CA ALA C 151 -1.90 19.53 -12.43
C ALA C 151 -1.24 19.40 -13.83
N VAL C 152 -1.38 20.42 -14.69
CA VAL C 152 -0.78 20.36 -16.04
C VAL C 152 0.72 20.49 -15.96
N HIS C 153 1.22 21.20 -14.95
CA HIS C 153 2.65 21.37 -14.79
C HIS C 153 3.27 20.08 -14.24
N LEU C 154 2.66 19.56 -13.19
CA LEU C 154 3.12 18.34 -12.57
C LEU C 154 3.16 17.20 -13.58
N CYS C 155 2.09 17.07 -14.37
CA CYS C 155 1.97 15.99 -15.37
C CYS C 155 2.69 16.23 -16.69
N GLY C 156 2.49 17.38 -17.33
CA GLY C 156 3.21 17.62 -18.56
C GLY C 156 4.70 17.59 -18.27
N GLY C 157 5.05 17.99 -17.05
CA GLY C 157 6.44 18.05 -16.62
C GLY C 157 7.10 16.71 -16.47
N GLN C 158 6.36 15.68 -16.03
CA GLN C 158 6.90 14.34 -15.89
C GLN C 158 6.77 13.55 -17.22
N ILE C 159 6.02 14.10 -18.18
CA ILE C 159 5.87 13.47 -19.50
C ILE C 159 7.12 13.89 -20.25
N ARG C 160 7.32 15.21 -20.37
CA ARG C 160 8.47 15.80 -21.06
C ARG C 160 9.81 15.54 -20.37
N THR C 161 9.79 15.32 -19.05
CA THR C 161 11.01 15.05 -18.28
C THR C 161 11.64 13.77 -18.82
N LYS C 162 10.82 12.75 -19.04
CA LYS C 162 11.27 11.45 -19.56
C LYS C 162 11.37 11.36 -21.09
N ARG C 163 10.86 12.37 -21.80
CA ARG C 163 10.96 12.41 -23.27
C ARG C 163 12.36 12.94 -23.54
N SER C 164 12.49 14.27 -23.45
CA SER C 164 13.77 14.95 -23.67
C SER C 164 14.68 14.89 -22.42
N ARG C 165 15.06 13.66 -22.04
CA ARG C 165 15.93 13.40 -20.89
C ARG C 165 17.01 14.50 -20.78
N ALA C 166 17.21 15.05 -19.58
CA ALA C 166 18.19 16.14 -19.33
C ALA C 166 19.68 15.80 -19.57
N THR C 167 20.46 16.81 -19.97
CA THR C 167 21.91 16.63 -20.27
C THR C 167 22.86 17.70 -19.66
N ASN C 168 22.49 18.24 -18.51
CA ASN C 168 23.30 19.24 -17.78
C ASN C 168 22.52 19.79 -16.56
N LEU C 169 23.24 20.34 -15.58
CA LEU C 169 22.60 20.83 -14.35
C LEU C 169 21.45 21.81 -14.53
N ARG C 170 21.73 23.00 -15.02
CA ARG C 170 20.64 23.96 -15.20
C ARG C 170 19.45 23.32 -15.96
N GLU C 171 19.69 22.15 -16.55
CA GLU C 171 18.69 21.39 -17.33
C GLU C 171 18.16 20.09 -16.70
N TRP C 172 18.73 19.68 -15.58
CA TRP C 172 18.27 18.49 -14.87
C TRP C 172 17.43 19.05 -13.69
N ARG C 173 17.91 20.17 -13.15
CA ARG C 173 17.30 20.88 -12.02
C ARG C 173 16.00 21.55 -12.45
N ALA C 174 15.70 21.41 -13.74
CA ALA C 174 14.48 21.94 -14.31
C ALA C 174 13.48 20.81 -14.35
N HIS C 175 13.94 19.65 -14.80
CA HIS C 175 13.08 18.48 -14.88
C HIS C 175 12.75 18.09 -13.44
N ALA C 176 13.75 18.19 -12.56
CA ALA C 176 13.60 17.84 -11.14
C ALA C 176 12.69 18.81 -10.39
N SER C 177 12.50 20.01 -10.96
CA SER C 177 11.65 21.03 -10.37
C SER C 177 10.16 20.74 -10.54
N THR C 178 9.82 19.77 -11.41
CA THR C 178 8.42 19.39 -11.64
C THR C 178 8.05 18.10 -10.88
N TYR C 179 8.34 16.95 -11.47
CA TYR C 179 8.03 15.66 -10.82
C TYR C 179 8.53 15.60 -9.36
N GLY C 180 9.47 16.48 -8.99
CA GLY C 180 9.97 16.46 -7.62
C GLY C 180 9.46 17.60 -6.76
N SER C 181 9.88 18.81 -7.09
CA SER C 181 9.49 20.00 -6.33
C SER C 181 7.98 20.21 -6.29
N THR C 182 7.36 20.41 -7.44
CA THR C 182 5.91 20.66 -7.48
C THR C 182 5.01 19.51 -6.94
N PHE C 183 5.53 18.28 -7.01
CA PHE C 183 4.80 17.10 -6.51
C PHE C 183 4.51 17.22 -5.00
N LEU C 184 5.59 17.44 -4.25
CA LEU C 184 5.52 17.56 -2.81
C LEU C 184 5.04 18.96 -2.42
N GLY C 185 5.23 19.92 -3.32
CA GLY C 185 4.77 21.25 -3.04
C GLY C 185 3.29 21.16 -2.70
N ARG C 186 2.50 20.48 -3.55
CA ARG C 186 1.02 20.35 -3.37
C ARG C 186 0.53 19.70 -2.07
N TYR C 187 1.22 18.66 -1.62
CA TYR C 187 0.84 18.00 -0.37
C TYR C 187 1.22 19.02 0.69
N GLY C 188 2.24 19.81 0.38
CA GLY C 188 2.68 20.85 1.27
C GLY C 188 1.47 21.75 1.46
N ALA C 189 0.90 22.24 0.36
CA ALA C 189 -0.28 23.10 0.41
C ALA C 189 -1.52 22.42 1.04
N LEU C 190 -1.76 21.16 0.69
CA LEU C 190 -2.88 20.41 1.24
C LEU C 190 -2.65 20.41 2.73
N ALA C 191 -1.45 19.95 3.11
CA ALA C 191 -1.03 19.88 4.50
C ALA C 191 -1.39 21.16 5.24
N ALA C 192 -1.26 22.29 4.55
CA ALA C 192 -1.57 23.58 5.11
C ALA C 192 -3.07 23.90 5.12
N ALA C 193 -3.77 23.57 4.05
CA ALA C 193 -5.21 23.83 3.96
C ALA C 193 -6.06 22.93 4.87
N CYS C 194 -5.42 21.87 5.39
CA CYS C 194 -6.07 20.89 6.26
C CYS C 194 -5.41 20.88 7.63
N GLY C 195 -4.38 21.72 7.79
CA GLY C 195 -3.67 21.78 9.04
C GLY C 195 -4.42 22.59 10.07
N GLY C 196 -5.06 23.66 9.60
CA GLY C 196 -5.80 24.48 10.52
C GLY C 196 -5.24 25.89 10.63
N GLU C 197 -6.09 26.83 10.22
CA GLU C 197 -5.84 28.26 10.23
C GLU C 197 -4.63 28.66 11.10
N GLY C 198 -3.90 29.67 10.64
CA GLY C 198 -2.74 30.14 11.38
C GLY C 198 -1.54 29.31 10.98
N GLN C 199 -1.47 29.04 9.68
CA GLN C 199 -0.39 28.26 9.10
C GLN C 199 0.28 29.05 7.99
N PRO C 200 1.64 29.16 8.03
CA PRO C 200 2.40 29.91 7.01
C PRO C 200 2.17 29.26 5.66
N ALA C 201 0.90 29.27 5.24
CA ALA C 201 0.43 28.71 3.98
C ALA C 201 1.51 28.43 2.91
N ASP C 202 2.18 29.48 2.45
CA ASP C 202 3.21 29.39 1.42
C ASP C 202 4.62 28.97 1.88
N SER C 203 4.91 29.10 3.18
CA SER C 203 6.21 28.75 3.76
C SER C 203 6.32 27.25 3.92
N VAL C 204 5.17 26.60 4.08
CA VAL C 204 5.11 25.17 4.22
C VAL C 204 5.49 24.61 2.85
N ARG C 205 4.93 25.23 1.81
CA ARG C 205 5.17 24.85 0.42
C ARG C 205 6.64 25.03 0.02
N GLU C 206 7.25 26.12 0.47
CA GLU C 206 8.64 26.36 0.17
C GLU C 206 9.49 25.25 0.76
N PHE C 207 9.16 24.85 1.99
CA PHE C 207 9.93 23.80 2.61
C PHE C 207 9.78 22.52 1.86
N ALA C 208 8.54 22.25 1.44
CA ALA C 208 8.21 21.04 0.69
C ALA C 208 8.98 20.98 -0.62
N GLU C 209 8.81 21.98 -1.47
CA GLU C 209 9.51 22.05 -2.75
C GLU C 209 11.04 22.06 -2.63
N ALA C 210 11.59 22.71 -1.60
CA ALA C 210 13.04 22.74 -1.39
C ALA C 210 13.51 21.37 -0.93
N PHE C 211 12.93 20.88 0.18
CA PHE C 211 13.26 19.57 0.72
C PHE C 211 13.19 18.53 -0.37
N ALA C 212 12.09 18.55 -1.12
CA ALA C 212 11.87 17.59 -2.21
C ALA C 212 13.07 17.40 -3.15
N MET C 213 13.61 18.49 -3.69
CA MET C 213 14.75 18.37 -4.60
C MET C 213 16.02 17.79 -3.94
N THR C 214 16.29 18.12 -2.67
CA THR C 214 17.48 17.57 -2.02
C THR C 214 17.33 16.06 -1.97
N ILE C 215 16.08 15.61 -1.96
CA ILE C 215 15.79 14.18 -1.94
C ILE C 215 16.02 13.59 -3.34
N THR C 216 15.58 14.31 -4.38
CA THR C 216 15.73 13.87 -5.78
C THR C 216 17.20 13.66 -6.10
N MET C 217 18.05 14.53 -5.57
CA MET C 217 19.46 14.38 -5.81
C MET C 217 19.94 13.18 -4.99
N ALA C 218 19.34 12.97 -3.83
CA ALA C 218 19.71 11.82 -3.00
C ALA C 218 19.30 10.54 -3.72
N ASP C 219 18.21 10.60 -4.49
CA ASP C 219 17.71 9.44 -5.23
C ASP C 219 18.55 9.20 -6.50
N ASP C 220 19.02 10.27 -7.14
CA ASP C 220 19.85 10.14 -8.35
C ASP C 220 21.28 9.74 -8.03
N LEU C 221 21.84 10.33 -6.98
CA LEU C 221 23.19 10.02 -6.58
C LEU C 221 23.34 8.58 -6.08
N THR C 222 22.22 7.96 -5.66
CA THR C 222 22.24 6.58 -5.17
C THR C 222 21.68 5.58 -6.19
N ASP C 223 20.61 5.97 -6.88
CA ASP C 223 19.91 5.16 -7.91
C ASP C 223 20.77 4.94 -9.17
N TYR C 224 22.00 5.46 -9.17
CA TYR C 224 22.91 5.30 -10.31
C TYR C 224 23.76 4.07 -9.99
N ASP C 225 24.28 4.03 -8.77
CA ASP C 225 25.10 2.93 -8.29
C ASP C 225 24.29 1.64 -8.15
N ARG C 226 23.21 1.69 -7.35
CA ARG C 226 22.34 0.53 -7.10
C ARG C 226 21.86 -0.23 -8.35
N ASN C 227 20.82 0.29 -8.99
CA ASN C 227 20.30 -0.35 -10.20
C ASN C 227 20.82 0.39 -11.43
N GLY C 228 22.10 0.20 -11.72
CA GLY C 228 22.74 0.85 -12.86
C GLY C 228 21.82 1.68 -13.75
N GLU C 229 21.86 3.01 -13.60
CA GLU C 229 21.06 3.93 -14.40
C GLU C 229 22.03 4.89 -15.11
N ARG C 230 21.55 5.72 -16.03
CA ARG C 230 22.48 6.61 -16.72
C ARG C 230 21.94 7.73 -17.64
N ASP C 231 20.76 7.55 -18.23
CA ASP C 231 20.21 8.57 -19.14
C ASP C 231 19.42 9.72 -18.51
N GLY C 232 20.10 10.86 -18.30
CA GLY C 232 19.45 12.01 -17.69
C GLY C 232 19.74 12.07 -16.20
N ASN C 233 20.33 10.98 -15.69
CA ASN C 233 20.70 10.79 -14.29
C ASN C 233 21.65 11.91 -13.85
N LEU C 234 21.48 12.42 -12.63
CA LEU C 234 22.35 13.47 -12.10
C LEU C 234 23.74 12.93 -11.75
N ALA C 235 23.87 11.61 -11.68
CA ALA C 235 25.15 10.97 -11.36
C ALA C 235 26.02 10.85 -12.61
N HIS C 236 25.38 10.48 -13.74
CA HIS C 236 26.07 10.34 -15.01
C HIS C 236 26.62 11.71 -15.40
N LEU C 237 25.72 12.68 -15.51
CA LEU C 237 26.09 14.04 -15.92
C LEU C 237 27.27 14.64 -15.13
N MET C 238 27.66 14.02 -14.03
CA MET C 238 28.79 14.48 -13.25
C MET C 238 30.00 13.68 -13.75
N ARG C 239 29.74 12.39 -14.02
CA ARG C 239 30.76 11.46 -14.50
C ARG C 239 31.20 11.68 -15.96
N THR C 240 30.69 12.75 -16.58
CA THR C 240 31.01 13.05 -17.96
C THR C 240 31.16 14.57 -18.18
N GLY C 241 31.67 15.26 -17.17
CA GLY C 241 31.88 16.71 -17.26
C GLY C 241 30.69 17.55 -17.72
N ALA C 242 29.48 17.00 -17.61
CA ALA C 242 28.25 17.73 -17.99
C ALA C 242 27.70 18.54 -16.80
N VAL C 243 28.30 18.33 -15.63
CA VAL C 243 27.94 19.01 -14.38
C VAL C 243 29.13 18.87 -13.41
N ALA C 244 29.67 20.00 -12.95
CA ALA C 244 30.79 19.99 -12.03
C ALA C 244 30.29 19.65 -10.63
N GLY C 245 31.01 18.77 -9.96
CA GLY C 245 30.63 18.38 -8.61
C GLY C 245 30.45 19.59 -7.71
N GLN C 246 31.21 20.65 -7.98
CA GLN C 246 31.13 21.87 -7.19
C GLN C 246 29.79 22.58 -7.38
N ASP C 247 29.15 22.34 -8.53
CA ASP C 247 27.84 22.93 -8.83
C ASP C 247 26.79 22.15 -8.05
N VAL C 248 26.87 20.83 -8.12
CA VAL C 248 25.96 19.96 -7.39
C VAL C 248 25.91 20.45 -5.93
N VAL C 249 27.09 20.55 -5.30
CA VAL C 249 27.18 21.02 -3.91
C VAL C 249 26.57 22.41 -3.72
N ASP C 250 26.98 23.36 -4.53
CA ASP C 250 26.45 24.71 -4.45
C ASP C 250 24.93 24.67 -4.34
N LEU C 251 24.29 23.97 -5.29
CA LEU C 251 22.83 23.82 -5.34
C LEU C 251 22.29 23.11 -4.07
N LEU C 252 22.95 22.01 -3.67
CA LEU C 252 22.53 21.26 -2.48
C LEU C 252 22.64 22.13 -1.22
N GLU C 253 23.55 23.11 -1.28
CA GLU C 253 23.79 24.08 -0.22
C GLU C 253 22.76 25.21 -0.22
N GLU C 254 22.17 25.41 -1.38
CA GLU C 254 21.17 26.43 -1.57
C GLU C 254 19.83 25.83 -1.14
N LEU C 255 19.63 24.55 -1.45
CA LEU C 255 18.38 23.86 -1.09
C LEU C 255 18.23 23.84 0.42
N ARG C 256 19.37 23.74 1.11
CA ARG C 256 19.38 23.74 2.57
C ARG C 256 18.98 25.15 2.98
N GLY C 257 19.69 26.12 2.40
CA GLY C 257 19.39 27.50 2.71
C GLY C 257 17.90 27.78 2.55
N ARG C 258 17.38 27.50 1.36
CA ARG C 258 15.97 27.71 1.03
C ARG C 258 15.04 26.97 1.99
N ALA C 259 15.38 25.74 2.36
CA ALA C 259 14.56 24.94 3.28
C ALA C 259 14.61 25.49 4.72
N LEU C 260 15.82 25.67 5.25
CA LEU C 260 16.02 26.21 6.59
C LEU C 260 15.38 27.59 6.72
N ALA C 261 15.24 28.26 5.59
CA ALA C 261 14.63 29.57 5.53
C ALA C 261 13.13 29.52 5.77
N ALA C 262 12.45 28.63 5.05
CA ALA C 262 11.03 28.49 5.20
C ALA C 262 10.68 27.94 6.58
N VAL C 263 11.55 27.12 7.16
CA VAL C 263 11.22 26.57 8.47
C VAL C 263 11.14 27.71 9.50
N ALA C 264 12.04 28.67 9.38
CA ALA C 264 12.09 29.83 10.27
C ALA C 264 10.85 30.69 10.16
N ALA C 265 10.42 30.98 8.93
CA ALA C 265 9.21 31.81 8.70
C ALA C 265 8.14 31.56 9.78
N PRO C 266 7.74 32.67 10.49
CA PRO C 266 6.76 32.79 11.59
C PRO C 266 5.39 32.12 11.43
N PRO C 267 4.98 31.31 12.42
CA PRO C 267 5.67 30.95 13.68
C PRO C 267 7.09 30.35 13.54
N GLY C 268 7.19 29.21 12.86
CA GLY C 268 8.45 28.55 12.66
C GLY C 268 8.42 27.12 13.13
N ALA C 269 9.06 26.24 12.36
CA ALA C 269 9.12 24.81 12.66
C ALA C 269 10.50 24.39 13.22
N PRO C 270 10.73 24.55 14.55
CA PRO C 270 12.03 24.20 15.14
C PRO C 270 12.43 22.77 14.87
N GLY C 271 11.44 21.89 14.93
CA GLY C 271 11.66 20.48 14.70
C GLY C 271 12.29 20.08 13.38
N LEU C 272 12.06 20.87 12.32
CA LEU C 272 12.61 20.57 11.00
C LEU C 272 14.08 20.99 10.81
N VAL C 273 14.56 21.94 11.59
CA VAL C 273 15.94 22.39 11.47
C VAL C 273 16.91 21.20 11.52
N PRO C 274 16.75 20.29 12.47
CA PRO C 274 17.65 19.14 12.55
C PRO C 274 17.56 18.27 11.30
N VAL C 275 16.33 18.05 10.83
CA VAL C 275 16.06 17.24 9.65
C VAL C 275 16.81 17.73 8.43
N VAL C 276 16.55 19.00 8.08
CA VAL C 276 17.14 19.62 6.91
C VAL C 276 18.65 19.45 6.85
N HIS C 277 19.30 19.53 8.00
CA HIS C 277 20.75 19.36 8.06
C HIS C 277 21.02 17.89 7.91
N LEU C 278 20.32 17.08 8.70
CA LEU C 278 20.48 15.63 8.65
C LEU C 278 20.55 15.10 7.21
N TYR C 279 19.66 15.61 6.36
CA TYR C 279 19.58 15.19 4.94
C TYR C 279 20.62 15.81 4.00
N THR C 280 20.73 17.14 4.01
CA THR C 280 21.69 17.81 3.16
C THR C 280 23.11 17.36 3.59
N ASP C 281 23.33 17.18 4.89
CA ASP C 281 24.63 16.73 5.34
C ASP C 281 24.92 15.34 4.90
N ASP C 282 23.87 14.55 4.69
CA ASP C 282 24.11 13.18 4.26
C ASP C 282 24.55 13.09 2.80
N VAL C 283 23.93 13.87 1.92
CA VAL C 283 24.35 13.82 0.52
C VAL C 283 25.83 14.26 0.51
N LEU C 284 26.14 15.33 1.24
CA LEU C 284 27.52 15.85 1.29
C LEU C 284 28.52 14.85 1.85
N VAL C 285 28.13 14.21 2.95
CA VAL C 285 28.97 13.23 3.62
C VAL C 285 29.17 11.91 2.88
N ARG C 286 28.08 11.21 2.58
CA ARG C 286 28.14 9.89 1.93
C ARG C 286 27.79 9.74 0.43
N LEU C 287 27.31 10.80 -0.21
CA LEU C 287 26.96 10.72 -1.64
C LEU C 287 28.00 11.39 -2.55
N LEU C 288 28.17 12.71 -2.39
CA LEU C 288 29.12 13.48 -3.18
C LEU C 288 30.54 12.92 -3.12
N PRO C 289 30.91 12.23 -2.01
CA PRO C 289 32.29 11.70 -2.00
C PRO C 289 32.58 10.59 -3.04
N ARG C 290 31.60 9.71 -3.31
CA ARG C 290 31.74 8.61 -4.29
C ARG C 290 32.15 9.13 -5.68
N HIS C 291 31.72 10.35 -6.01
CA HIS C 291 32.00 10.98 -7.30
C HIS C 291 33.07 12.09 -7.16
#